data_4K7Q
#
_entry.id   4K7Q
#
_cell.length_a   144.685
_cell.length_b   144.685
_cell.length_c   519.357
_cell.angle_alpha   90.00
_cell.angle_beta   90.00
_cell.angle_gamma   120.00
#
_symmetry.space_group_name_H-M   'H 3 2'
#
loop_
_entity.id
_entity.type
_entity.pdbx_description
1 polymer 'Acriflavine resistance protein B'
2 non-polymer N-{[(5S)-3-(3-fluoro-4-morpholin-4-ylphenyl)-2-oxo-1,3-oxazolidin-5-yl]methyl}acetamide
#
_entity_poly.entity_id   1
_entity_poly.type   'polypeptide(L)'
_entity_poly.pdbx_seq_one_letter_code
;MPNFFIDRPIFAWVIAIIIMLAGGLAILKLPVAQYPTIAPPAVTISASYPGADAKTVQDTVTQVIEQNMNGIDNLMYMSS
NSDSTGTVQITLTFESGTDADIAQVQVQNKLQLAMPLLPQEVQQQGVSVEKSSSSFLMVVGVINTDGTMTQEDISDYVAA
NMKDAISRTSGVGDVQLFGSQYAMRIWMNPNELNKFQLTPVDVITAIKAQNAQVAAGQLGGTPPVKGQQLNASIIAQTRL
TSTEEFGKILLKVNQDGSRVLLRDVAKIELGGENYDIIAEFNGQPASGLGIKLATGANALDTAAAIRAELAKMEPFFPSG
LKIVYPYDTTPFVKISIHEVVKTLVEAIILVFLVMYLFLQNFRATLIPTIAVPVVLLGTFAVLAAFGFSINTLTMFGMVL
AIGLLVDDAIVVVENVERVMAEEGLPPKEATRKSMGQIQGALVGIAMVLSAVFVPMAFFGGSTGAIYRQFSITIVSAMAL
SVLVALILTPALCATMLKPIAKGDHGEGKKGFFGWFNRMFEKSTHHYTDSVGGILRSTGRYLVLYLIIVVGMAYLFVRLP
SSFLPDEDQGVFMTMVQLPAGATQERTQKVLNEVTHYYLTKEKNNVESVFAVNGFGFAGRGQNTGIAFVSLKDWADRPGE
ENKVEAITMRATRAFSQIKDAMVFAFNLPAIVELGTATGFDFELIDQAGLGHEKLTQARNQLLAEAAKHPDMLTSVRPNG
LEDTPQFKIDIDQEKAQALGVSINDINTTLGAAWGGSYVNDFIDRGRVKKVYVMSEAKYRMLPDDIGDWYVRAADGQMVP
FSAFSSSRWEYGSPRLERYNGLPSMEILGQAAPGKSTGEAMELMEQLASKLPTGVGYDWTGMSYQERLSGNQAPSLYAIS
LIVVFLCLAALYESWSIPFSVMLVVPLGVIGALLAATFRGLTNDVYFQVGLLTTIGLSAKNAILIVEFAKDLMDKEGKGL
IEATLDAVRMRLRPILMTSLAFILGVMPLVISTGAGSGAQNAVGTGVMGGMVTATVLAIFFVPVFFVVVRRRFSRKNEDI
EHSHTVDHHHHHH
;
_entity_poly.pdbx_strand_id   A
#
loop_
_chem_comp.id
_chem_comp.type
_chem_comp.name
_chem_comp.formula
ZLD non-polymer N-{[(5S)-3-(3-fluoro-4-morpholin-4-ylphenyl)-2-oxo-1,3-oxazolidin-5-yl]methyl}acetamide 'C16 H20 F N3 O4'
#
# COMPACT_ATOMS: atom_id res chain seq x y z
N ASP A 7 -11.27 -17.82 -45.61
CA ASP A 7 -10.58 -19.11 -45.58
C ASP A 7 -11.48 -20.18 -44.99
N ARG A 8 -11.29 -20.46 -43.69
CA ARG A 8 -12.07 -21.47 -42.99
C ARG A 8 -12.57 -20.92 -41.66
N PRO A 9 -13.89 -20.77 -41.52
CA PRO A 9 -14.55 -20.16 -40.36
C PRO A 9 -14.50 -21.05 -39.13
N ILE A 10 -14.98 -22.28 -39.29
CA ILE A 10 -15.09 -23.27 -38.22
C ILE A 10 -13.92 -23.32 -37.23
N PHE A 11 -12.74 -23.64 -37.73
CA PHE A 11 -11.56 -23.82 -36.88
C PHE A 11 -11.22 -22.54 -36.13
N ALA A 12 -11.36 -21.41 -36.82
CA ALA A 12 -11.12 -20.10 -36.20
C ALA A 12 -12.10 -19.85 -35.06
N TRP A 13 -13.36 -20.19 -35.29
CA TRP A 13 -14.38 -20.09 -34.26
C TRP A 13 -14.05 -21.00 -33.08
N VAL A 14 -13.46 -22.15 -33.37
CA VAL A 14 -13.07 -23.09 -32.32
C VAL A 14 -11.95 -22.52 -31.46
N ILE A 15 -10.93 -21.95 -32.10
CA ILE A 15 -9.84 -21.32 -31.37
C ILE A 15 -10.38 -20.18 -30.53
N ALA A 16 -11.21 -19.34 -31.14
CA ALA A 16 -11.81 -18.21 -30.45
C ALA A 16 -12.61 -18.67 -29.23
N ILE A 17 -13.31 -19.78 -29.37
CA ILE A 17 -14.11 -20.33 -28.27
C ILE A 17 -13.22 -20.90 -27.17
N ILE A 18 -12.12 -21.54 -27.54
CA ILE A 18 -11.13 -21.98 -26.57
C ILE A 18 -10.63 -20.78 -25.79
N ILE A 19 -10.46 -19.66 -26.49
CA ILE A 19 -10.05 -18.42 -25.84
C ILE A 19 -11.13 -17.88 -24.89
N MET A 20 -12.39 -18.01 -25.30
CA MET A 20 -13.51 -17.63 -24.46
C MET A 20 -13.46 -18.41 -23.15
N LEU A 21 -13.41 -19.73 -23.28
CA LEU A 21 -13.31 -20.63 -22.13
C LEU A 21 -12.13 -20.27 -21.26
N ALA A 22 -10.92 -20.51 -21.75
CA ALA A 22 -9.69 -20.24 -21.01
C ALA A 22 -9.71 -18.88 -20.33
N GLY A 23 -10.28 -17.88 -21.01
CA GLY A 23 -10.43 -16.56 -20.44
C GLY A 23 -11.33 -16.53 -19.21
N GLY A 24 -12.58 -16.96 -19.37
CA GLY A 24 -13.53 -16.96 -18.28
C GLY A 24 -13.09 -17.84 -17.11
N LEU A 25 -12.60 -19.03 -17.45
CA LEU A 25 -12.05 -19.98 -16.50
C LEU A 25 -10.91 -19.34 -15.72
N ALA A 26 -10.03 -18.63 -16.41
CA ALA A 26 -8.94 -17.94 -15.75
C ALA A 26 -9.43 -16.73 -14.96
N ILE A 27 -10.66 -16.28 -15.22
CA ILE A 27 -11.23 -15.20 -14.44
C ILE A 27 -11.88 -15.75 -13.16
N LEU A 28 -12.28 -17.01 -13.21
CA LEU A 28 -12.89 -17.66 -12.06
C LEU A 28 -11.81 -18.22 -11.14
N LYS A 29 -10.58 -18.23 -11.64
CA LYS A 29 -9.47 -18.82 -10.90
C LYS A 29 -8.40 -17.78 -10.61
N LEU A 30 -8.76 -16.50 -10.70
CA LEU A 30 -7.81 -15.41 -10.55
C LEU A 30 -8.14 -14.55 -9.33
N PRO A 31 -7.11 -14.06 -8.64
CA PRO A 31 -7.30 -13.10 -7.56
C PRO A 31 -7.88 -11.78 -8.07
N VAL A 32 -9.03 -11.39 -7.55
CA VAL A 32 -9.68 -10.15 -7.97
C VAL A 32 -9.28 -8.98 -7.07
N ALA A 33 -8.17 -9.16 -6.36
CA ALA A 33 -7.73 -8.17 -5.38
C ALA A 33 -7.23 -6.87 -5.99
N GLN A 34 -6.62 -6.03 -5.16
CA GLN A 34 -6.20 -4.69 -5.57
C GLN A 34 -4.89 -4.66 -6.32
N TYR A 35 -4.09 -3.66 -6.00
CA TYR A 35 -2.79 -3.43 -6.64
C TYR A 35 -1.86 -4.61 -6.40
N PRO A 36 -0.88 -4.81 -7.28
CA PRO A 36 0.08 -5.90 -7.10
C PRO A 36 0.96 -5.67 -5.88
N THR A 37 1.76 -6.68 -5.52
CA THR A 37 2.68 -6.54 -4.41
C THR A 37 3.83 -5.64 -4.82
N ILE A 38 3.81 -4.40 -4.32
CA ILE A 38 4.76 -3.38 -4.75
C ILE A 38 5.92 -3.21 -3.78
N ALA A 39 5.60 -3.11 -2.50
CA ALA A 39 6.61 -2.81 -1.48
C ALA A 39 7.61 -3.94 -1.29
N PRO A 40 8.89 -3.59 -1.12
CA PRO A 40 9.94 -4.55 -0.81
C PRO A 40 9.67 -5.22 0.53
N PRO A 41 9.63 -6.56 0.55
CA PRO A 41 9.33 -7.38 1.73
C PRO A 41 10.15 -7.00 2.95
N ALA A 42 9.47 -6.83 4.07
CA ALA A 42 10.13 -6.46 5.33
C ALA A 42 9.69 -7.36 6.47
N VAL A 43 10.63 -7.73 7.32
CA VAL A 43 10.36 -8.58 8.47
C VAL A 43 10.54 -7.79 9.77
N THR A 44 9.61 -7.98 10.70
CA THR A 44 9.61 -7.21 11.93
C THR A 44 9.74 -8.05 13.19
N ILE A 45 10.70 -7.69 14.04
CA ILE A 45 10.92 -8.33 15.32
C ILE A 45 10.37 -7.45 16.44
N SER A 46 9.41 -7.98 17.19
CA SER A 46 8.79 -7.22 18.28
C SER A 46 9.16 -7.82 19.63
N ALA A 47 9.69 -6.99 20.53
CA ALA A 47 10.04 -7.46 21.87
C ALA A 47 9.65 -6.46 22.93
N SER A 48 9.33 -6.96 24.13
CA SER A 48 8.85 -6.12 25.22
C SER A 48 9.56 -6.40 26.54
N TYR A 49 9.62 -5.39 27.39
CA TYR A 49 10.24 -5.50 28.72
C TYR A 49 9.38 -4.70 29.70
N PRO A 50 8.58 -5.42 30.50
CA PRO A 50 7.56 -4.85 31.41
C PRO A 50 8.08 -3.72 32.29
N GLY A 51 7.64 -2.50 32.00
CA GLY A 51 7.94 -1.35 32.84
C GLY A 51 9.25 -0.66 32.50
N ALA A 52 10.12 -1.35 31.79
CA ALA A 52 11.46 -0.84 31.52
C ALA A 52 11.43 0.45 30.70
N ASP A 53 12.46 1.27 30.88
CA ASP A 53 12.56 2.54 30.19
C ASP A 53 13.34 2.40 28.88
N ALA A 54 13.33 3.47 28.10
CA ALA A 54 13.95 3.47 26.77
C ALA A 54 15.45 3.16 26.82
N LYS A 55 16.17 3.85 27.70
CA LYS A 55 17.60 3.65 27.87
C LYS A 55 17.90 2.18 28.19
N THR A 56 17.06 1.59 29.03
CA THR A 56 17.24 0.21 29.44
C THR A 56 17.05 -0.75 28.26
N VAL A 57 15.86 -0.74 27.67
CA VAL A 57 15.54 -1.65 26.58
C VAL A 57 16.42 -1.47 25.35
N GLN A 58 16.97 -0.28 25.18
CA GLN A 58 17.80 0.01 24.02
C GLN A 58 19.11 -0.76 24.07
N ASP A 59 19.55 -1.12 25.27
CA ASP A 59 20.79 -1.87 25.41
C ASP A 59 20.68 -3.08 26.35
N THR A 60 19.48 -3.62 26.47
CA THR A 60 19.28 -4.87 27.21
C THR A 60 18.52 -5.87 26.35
N VAL A 61 17.81 -5.36 25.35
CA VAL A 61 17.09 -6.20 24.40
C VAL A 61 17.47 -5.86 22.98
N THR A 62 17.52 -4.56 22.70
CA THR A 62 17.74 -4.07 21.34
C THR A 62 19.12 -4.45 20.80
N GLN A 63 20.17 -3.92 21.43
CA GLN A 63 21.53 -4.12 20.96
C GLN A 63 21.94 -5.58 20.93
N VAL A 64 21.44 -6.36 21.89
CA VAL A 64 21.75 -7.79 21.94
C VAL A 64 21.22 -8.48 20.69
N ILE A 65 20.04 -8.07 20.25
CA ILE A 65 19.44 -8.63 19.06
C ILE A 65 20.16 -8.14 17.81
N GLU A 66 20.43 -6.84 17.77
CA GLU A 66 21.09 -6.23 16.62
C GLU A 66 22.46 -6.83 16.34
N GLN A 67 23.30 -6.90 17.38
CA GLN A 67 24.65 -7.42 17.23
C GLN A 67 24.63 -8.89 16.85
N ASN A 68 23.60 -9.60 17.31
CA ASN A 68 23.46 -11.01 16.99
C ASN A 68 22.68 -11.20 15.70
N MET A 69 22.40 -10.09 15.01
CA MET A 69 21.67 -10.14 13.76
C MET A 69 22.59 -9.85 12.58
N ASN A 70 23.20 -10.90 12.04
CA ASN A 70 24.09 -10.76 10.89
C ASN A 70 24.19 -12.06 10.12
N GLY A 71 24.73 -11.99 8.90
CA GLY A 71 24.84 -13.14 8.05
C GLY A 71 23.49 -13.58 7.51
N ILE A 72 22.70 -12.60 7.07
CA ILE A 72 21.37 -12.87 6.55
C ILE A 72 21.28 -12.43 5.08
N ASP A 73 20.88 -13.37 4.23
CA ASP A 73 20.85 -13.14 2.78
C ASP A 73 19.88 -12.04 2.36
N ASN A 74 20.30 -11.25 1.39
CA ASN A 74 19.47 -10.19 0.80
C ASN A 74 18.89 -9.23 1.83
N LEU A 75 19.73 -8.37 2.39
CA LEU A 75 19.29 -7.43 3.41
C LEU A 75 19.54 -5.98 3.02
N MET A 76 18.48 -5.19 2.99
CA MET A 76 18.61 -3.77 2.65
C MET A 76 19.12 -2.98 3.85
N TYR A 77 18.33 -2.96 4.92
CA TYR A 77 18.70 -2.24 6.13
C TYR A 77 17.99 -2.75 7.37
N MET A 78 18.46 -2.28 8.52
CA MET A 78 17.92 -2.70 9.81
C MET A 78 17.66 -1.48 10.69
N SER A 79 16.41 -1.07 10.78
CA SER A 79 16.07 0.13 11.55
C SER A 79 15.34 -0.25 12.84
N SER A 80 15.73 0.37 13.95
CA SER A 80 15.20 -0.01 15.25
C SER A 80 14.63 1.14 16.07
N ASN A 81 13.50 0.88 16.70
CA ASN A 81 12.88 1.82 17.62
C ASN A 81 12.78 1.23 19.02
N SER A 82 13.34 1.95 19.98
CA SER A 82 13.26 1.55 21.38
C SER A 82 12.33 2.48 22.14
N ASP A 83 11.16 1.97 22.50
CA ASP A 83 10.11 2.78 23.11
C ASP A 83 10.13 2.72 24.64
N SER A 84 9.97 3.88 25.26
CA SER A 84 9.96 4.04 26.71
C SER A 84 8.88 3.22 27.39
N THR A 85 7.93 2.74 26.60
CA THR A 85 6.92 1.79 27.08
C THR A 85 7.60 0.46 27.38
N GLY A 86 8.87 0.36 27.02
CA GLY A 86 9.64 -0.85 27.20
C GLY A 86 9.42 -1.76 26.02
N THR A 87 9.43 -1.19 24.82
CA THR A 87 9.11 -1.98 23.64
C THR A 87 10.00 -1.67 22.44
N VAL A 88 10.79 -2.66 22.04
CA VAL A 88 11.68 -2.50 20.90
C VAL A 88 11.12 -3.19 19.66
N GLN A 89 11.25 -2.54 18.50
CA GLN A 89 10.73 -3.10 17.26
C GLN A 89 11.76 -2.98 16.15
N ILE A 90 12.54 -4.04 15.93
CA ILE A 90 13.57 -4.04 14.90
C ILE A 90 13.02 -4.48 13.55
N THR A 91 13.25 -3.66 12.52
CA THR A 91 12.78 -4.00 11.19
C THR A 91 13.92 -4.25 10.22
N LEU A 92 13.92 -5.43 9.62
CA LEU A 92 14.88 -5.76 8.57
C LEU A 92 14.18 -5.74 7.23
N THR A 93 14.64 -4.89 6.31
CA THR A 93 14.06 -4.82 4.99
C THR A 93 14.87 -5.62 3.98
N PHE A 94 14.18 -6.42 3.18
CA PHE A 94 14.82 -7.32 2.24
C PHE A 94 14.59 -6.82 0.82
N GLU A 95 15.52 -7.17 -0.07
CA GLU A 95 15.44 -6.75 -1.46
C GLU A 95 14.15 -7.26 -2.10
N SER A 96 13.50 -6.40 -2.87
CA SER A 96 12.19 -6.70 -3.44
C SER A 96 12.17 -7.99 -4.26
N GLY A 97 11.10 -8.77 -4.09
CA GLY A 97 10.93 -10.00 -4.83
C GLY A 97 11.57 -11.19 -4.15
N THR A 98 12.13 -10.96 -2.97
CA THR A 98 12.79 -12.04 -2.23
C THR A 98 11.76 -13.00 -1.66
N ASP A 99 12.20 -14.22 -1.36
CA ASP A 99 11.34 -15.20 -0.73
C ASP A 99 11.06 -14.78 0.70
N ALA A 100 9.93 -14.11 0.90
CA ALA A 100 9.58 -13.57 2.21
C ALA A 100 9.53 -14.66 3.27
N ASP A 101 9.09 -15.85 2.88
CA ASP A 101 8.98 -16.96 3.82
C ASP A 101 10.32 -17.35 4.41
N ILE A 102 11.35 -17.47 3.57
CA ILE A 102 12.68 -17.83 4.05
C ILE A 102 13.38 -16.63 4.68
N ALA A 103 13.00 -15.43 4.24
CA ALA A 103 13.56 -14.20 4.77
C ALA A 103 13.12 -14.04 6.21
N GLN A 104 11.91 -14.51 6.50
CA GLN A 104 11.41 -14.53 7.86
C GLN A 104 12.27 -15.46 8.70
N VAL A 105 12.63 -16.60 8.10
CA VAL A 105 13.37 -17.62 8.80
C VAL A 105 14.77 -17.17 9.19
N GLN A 106 15.51 -16.65 8.21
CA GLN A 106 16.90 -16.25 8.45
C GLN A 106 17.04 -15.26 9.61
N VAL A 107 15.98 -14.49 9.86
CA VAL A 107 15.96 -13.53 10.96
C VAL A 107 15.50 -14.20 12.25
N GLN A 108 14.33 -14.83 12.18
CA GLN A 108 13.71 -15.48 13.33
C GLN A 108 14.64 -16.50 14.00
N ASN A 109 15.53 -17.10 13.20
CA ASN A 109 16.43 -18.12 13.70
C ASN A 109 17.77 -17.57 14.19
N LYS A 110 18.13 -16.38 13.74
CA LYS A 110 19.30 -15.70 14.28
C LYS A 110 18.93 -14.98 15.58
N LEU A 111 17.64 -14.75 15.75
CA LEU A 111 17.11 -14.25 17.01
C LEU A 111 17.30 -15.33 18.06
N GLN A 112 17.06 -16.57 17.66
CA GLN A 112 17.13 -17.73 18.54
C GLN A 112 18.50 -17.84 19.22
N LEU A 113 19.52 -17.32 18.55
CA LEU A 113 20.89 -17.38 19.05
C LEU A 113 21.19 -16.18 19.94
N ALA A 114 20.16 -15.42 20.29
CA ALA A 114 20.32 -14.25 21.14
C ALA A 114 19.34 -14.26 22.31
N MET A 115 18.33 -15.13 22.23
CA MET A 115 17.32 -15.25 23.28
C MET A 115 17.88 -15.51 24.69
N PRO A 116 18.85 -16.45 24.83
CA PRO A 116 19.36 -16.64 26.19
C PRO A 116 20.19 -15.46 26.72
N LEU A 117 20.40 -14.46 25.89
CA LEU A 117 21.12 -13.24 26.31
C LEU A 117 20.15 -12.10 26.59
N LEU A 118 18.86 -12.41 26.54
CA LEU A 118 17.84 -11.44 26.89
C LEU A 118 17.46 -11.65 28.35
N PRO A 119 16.99 -10.58 29.02
CA PRO A 119 16.51 -10.72 30.39
C PRO A 119 15.36 -11.72 30.44
N GLN A 120 15.28 -12.49 31.53
CA GLN A 120 14.24 -13.50 31.67
C GLN A 120 12.85 -12.87 31.71
N GLU A 121 12.80 -11.59 32.06
CA GLU A 121 11.55 -10.83 32.04
C GLU A 121 11.03 -10.73 30.61
N VAL A 122 11.94 -10.65 29.65
CA VAL A 122 11.58 -10.53 28.24
C VAL A 122 11.32 -11.89 27.62
N GLN A 123 12.12 -12.88 28.02
CA GLN A 123 11.98 -14.23 27.49
C GLN A 123 10.60 -14.81 27.78
N GLN A 124 10.08 -14.56 28.97
CA GLN A 124 8.75 -15.03 29.33
C GLN A 124 7.69 -14.07 28.82
N GLN A 125 8.13 -12.97 28.23
CA GLN A 125 7.23 -12.03 27.58
C GLN A 125 7.19 -12.36 26.10
N GLY A 126 6.40 -11.61 25.34
CA GLY A 126 6.20 -11.90 23.93
C GLY A 126 7.33 -11.45 23.01
N VAL A 127 7.94 -12.41 22.34
CA VAL A 127 8.92 -12.12 21.30
C VAL A 127 8.34 -12.59 19.99
N SER A 128 8.33 -11.71 18.98
CA SER A 128 7.65 -12.03 17.73
C SER A 128 8.48 -11.72 16.48
N VAL A 129 8.28 -12.52 15.44
CA VAL A 129 8.90 -12.27 14.14
C VAL A 129 7.83 -12.41 13.06
N GLU A 130 7.48 -11.29 12.42
CA GLU A 130 6.33 -11.26 11.51
C GLU A 130 6.63 -10.63 10.15
N LYS A 131 5.69 -10.81 9.22
CA LYS A 131 5.72 -10.13 7.94
C LYS A 131 4.96 -8.81 8.07
N SER A 132 5.59 -7.72 7.64
CA SER A 132 5.05 -6.39 7.91
C SER A 132 4.25 -5.79 6.77
N SER A 133 3.19 -5.07 7.14
CA SER A 133 2.42 -4.25 6.21
C SER A 133 2.05 -2.96 6.94
N SER A 134 2.58 -1.85 6.46
CA SER A 134 2.47 -0.56 7.17
C SER A 134 1.05 -0.06 7.40
N SER A 135 0.06 -0.76 6.87
CA SER A 135 -1.34 -0.36 7.04
C SER A 135 -2.27 -1.56 7.03
N PHE A 136 -3.42 -1.41 7.71
CA PHE A 136 -4.41 -2.47 7.80
C PHE A 136 -5.29 -2.51 6.56
N LEU A 137 -6.37 -3.28 6.63
CA LEU A 137 -7.38 -3.29 5.59
C LEU A 137 -8.77 -3.41 6.21
N MET A 138 -8.97 -4.48 6.97
CA MET A 138 -10.19 -4.67 7.72
C MET A 138 -9.96 -4.25 9.16
N VAL A 139 -10.91 -3.51 9.73
CA VAL A 139 -10.86 -3.20 11.15
C VAL A 139 -12.20 -3.54 11.77
N VAL A 140 -12.36 -4.79 12.18
CA VAL A 140 -13.65 -5.26 12.67
C VAL A 140 -13.89 -4.81 14.10
N GLY A 141 -14.59 -3.69 14.26
CA GLY A 141 -14.87 -3.17 15.59
C GLY A 141 -16.02 -3.91 16.25
N VAL A 142 -15.90 -4.16 17.55
CA VAL A 142 -16.95 -4.85 18.28
C VAL A 142 -17.50 -3.97 19.40
N ILE A 143 -18.82 -3.81 19.42
CA ILE A 143 -19.46 -2.98 20.44
C ILE A 143 -20.53 -3.77 21.18
N ASN A 144 -21.21 -3.10 22.12
CA ASN A 144 -22.30 -3.74 22.85
C ASN A 144 -23.53 -2.85 22.91
N THR A 145 -24.70 -3.47 22.95
CA THR A 145 -25.95 -2.73 22.98
C THR A 145 -26.83 -3.11 24.18
N ASP A 146 -27.33 -4.34 24.17
CA ASP A 146 -28.24 -4.79 25.22
C ASP A 146 -27.52 -4.98 26.55
N GLY A 147 -27.08 -6.21 26.82
CA GLY A 147 -26.38 -6.51 28.05
C GLY A 147 -25.05 -5.78 28.11
N THR A 148 -25.07 -4.59 28.71
CA THR A 148 -23.92 -3.70 28.72
C THR A 148 -22.70 -4.30 29.40
N MET A 149 -21.63 -4.43 28.64
CA MET A 149 -20.35 -4.88 29.17
C MET A 149 -19.30 -3.82 28.87
N THR A 150 -18.37 -3.62 29.79
CA THR A 150 -17.37 -2.56 29.66
C THR A 150 -16.47 -2.77 28.46
N GLN A 151 -15.70 -1.73 28.11
CA GLN A 151 -14.75 -1.82 27.01
C GLN A 151 -13.57 -2.69 27.40
N GLU A 152 -13.51 -3.05 28.69
CA GLU A 152 -12.50 -3.97 29.19
C GLU A 152 -13.02 -5.40 29.09
N ASP A 153 -14.33 -5.55 29.02
CA ASP A 153 -14.95 -6.85 28.85
C ASP A 153 -14.94 -7.26 27.37
N ILE A 154 -15.31 -6.31 26.52
CA ILE A 154 -15.36 -6.53 25.08
C ILE A 154 -13.99 -6.92 24.54
N SER A 155 -12.97 -6.17 24.94
CA SER A 155 -11.60 -6.44 24.52
C SER A 155 -11.22 -7.88 24.85
N ASP A 156 -11.54 -8.29 26.07
CA ASP A 156 -11.26 -9.65 26.52
C ASP A 156 -11.99 -10.68 25.68
N TYR A 157 -13.28 -10.49 25.50
CA TYR A 157 -14.09 -11.45 24.75
C TYR A 157 -13.63 -11.61 23.31
N VAL A 158 -13.24 -10.50 22.69
CA VAL A 158 -12.69 -10.55 21.34
C VAL A 158 -11.35 -11.27 21.35
N ALA A 159 -10.58 -11.05 22.42
CA ALA A 159 -9.28 -11.69 22.56
C ALA A 159 -9.38 -13.08 23.19
N ALA A 160 -10.60 -13.62 23.27
CA ALA A 160 -10.81 -14.93 23.88
C ALA A 160 -11.84 -15.75 23.11
N ASN A 161 -12.07 -15.37 21.85
CA ASN A 161 -13.02 -16.08 21.01
C ASN A 161 -12.82 -15.73 19.54
N MET A 162 -12.20 -14.59 19.28
CA MET A 162 -12.05 -14.11 17.91
C MET A 162 -10.59 -13.99 17.49
N LYS A 163 -9.82 -13.19 18.22
CA LYS A 163 -8.45 -12.87 17.85
C LYS A 163 -7.56 -14.08 17.67
N ASP A 164 -7.73 -15.08 18.55
CA ASP A 164 -6.91 -16.27 18.51
C ASP A 164 -7.09 -17.04 17.21
N ALA A 165 -8.29 -16.98 16.66
CA ALA A 165 -8.61 -17.67 15.42
C ALA A 165 -8.30 -16.79 14.21
N ILE A 166 -8.73 -15.53 14.27
CA ILE A 166 -8.56 -14.60 13.16
C ILE A 166 -7.09 -14.40 12.79
N SER A 167 -6.22 -14.39 13.80
CA SER A 167 -4.79 -14.24 13.58
C SER A 167 -4.19 -15.46 12.89
N ARG A 168 -4.91 -16.56 12.92
CA ARG A 168 -4.42 -17.82 12.37
C ARG A 168 -4.96 -18.05 10.96
N THR A 169 -6.03 -17.35 10.62
CA THR A 169 -6.77 -17.61 9.39
C THR A 169 -6.17 -16.90 8.18
N SER A 170 -6.08 -17.62 7.07
CA SER A 170 -5.74 -17.07 5.76
C SER A 170 -4.55 -16.13 5.72
N GLY A 171 -3.44 -16.55 6.33
CA GLY A 171 -2.20 -15.80 6.28
C GLY A 171 -2.30 -14.36 6.73
N VAL A 172 -3.04 -14.13 7.81
CA VAL A 172 -3.13 -12.79 8.39
C VAL A 172 -1.79 -12.40 9.02
N GLY A 173 -1.26 -11.26 8.59
CA GLY A 173 0.07 -10.83 8.98
C GLY A 173 0.28 -10.61 10.47
N ASP A 174 -0.44 -9.67 11.05
CA ASP A 174 -0.23 -9.30 12.43
C ASP A 174 -1.43 -8.56 13.03
N VAL A 175 -2.32 -9.30 13.67
CA VAL A 175 -3.51 -8.71 14.28
C VAL A 175 -3.18 -7.78 15.44
N GLN A 176 -3.59 -6.53 15.31
CA GLN A 176 -3.45 -5.57 16.39
C GLN A 176 -4.75 -5.47 17.17
N LEU A 177 -4.68 -5.77 18.46
CA LEU A 177 -5.85 -5.80 19.32
C LEU A 177 -5.99 -4.44 19.99
N PHE A 178 -7.20 -3.88 19.95
CA PHE A 178 -7.47 -2.59 20.56
C PHE A 178 -8.07 -2.76 21.95
N GLY A 179 -7.19 -2.94 22.93
CA GLY A 179 -7.58 -3.25 24.29
C GLY A 179 -6.64 -4.33 24.80
N SER A 180 -7.15 -5.24 25.61
CA SER A 180 -6.34 -6.36 26.08
C SER A 180 -7.18 -7.48 26.68
N GLN A 181 -6.70 -8.70 26.53
CA GLN A 181 -7.34 -9.87 27.12
C GLN A 181 -7.28 -9.76 28.63
N TYR A 182 -8.19 -10.45 29.31
CA TYR A 182 -8.24 -10.40 30.77
C TYR A 182 -6.99 -10.97 31.43
N ALA A 183 -6.86 -10.70 32.72
CA ALA A 183 -5.71 -11.13 33.50
C ALA A 183 -6.01 -10.92 34.98
N MET A 184 -5.51 -11.84 35.80
CA MET A 184 -5.68 -11.72 37.23
C MET A 184 -4.86 -10.54 37.73
N ARG A 185 -5.55 -9.46 38.03
CA ARG A 185 -4.89 -8.22 38.40
C ARG A 185 -4.90 -8.02 39.91
N ILE A 186 -3.71 -7.93 40.49
CA ILE A 186 -3.57 -7.78 41.94
C ILE A 186 -2.91 -6.46 42.31
N TRP A 187 -3.69 -5.57 42.92
CA TRP A 187 -3.24 -4.24 43.25
C TRP A 187 -2.78 -4.14 44.70
N MET A 188 -1.47 -4.21 44.92
CA MET A 188 -0.92 -4.18 46.27
C MET A 188 -1.13 -2.84 46.97
N ASN A 189 -1.38 -2.90 48.28
CA ASN A 189 -1.48 -1.71 49.11
C ASN A 189 -0.25 -1.62 49.99
N PRO A 190 0.56 -0.56 49.79
CA PRO A 190 1.84 -0.37 50.48
C PRO A 190 1.68 -0.39 51.99
N ASN A 191 0.65 0.29 52.49
CA ASN A 191 0.40 0.38 53.92
C ASN A 191 0.03 -0.97 54.53
N GLU A 192 -0.95 -1.63 53.92
CA GLU A 192 -1.40 -2.93 54.39
C GLU A 192 -0.29 -3.98 54.29
N LEU A 193 0.63 -3.77 53.36
CA LEU A 193 1.81 -4.62 53.25
C LEU A 193 2.77 -4.36 54.40
N ASN A 194 3.05 -3.08 54.64
CA ASN A 194 3.98 -2.69 55.69
C ASN A 194 3.42 -2.89 57.10
N LYS A 195 2.12 -2.66 57.25
CA LYS A 195 1.46 -2.81 58.53
C LYS A 195 1.53 -4.25 59.01
N PHE A 196 1.53 -5.18 58.05
CA PHE A 196 1.69 -6.60 58.35
C PHE A 196 3.14 -7.02 58.15
N GLN A 197 4.01 -6.05 57.89
CA GLN A 197 5.43 -6.30 57.62
C GLN A 197 5.62 -7.26 56.45
N LEU A 198 5.25 -6.80 55.26
CA LEU A 198 5.36 -7.61 54.05
C LEU A 198 5.82 -6.80 52.85
N THR A 199 6.62 -7.44 52.00
CA THR A 199 7.10 -6.83 50.77
C THR A 199 6.43 -7.48 49.57
N PRO A 200 6.39 -6.77 48.43
CA PRO A 200 5.94 -7.30 47.14
C PRO A 200 6.51 -8.69 46.85
N VAL A 201 7.76 -8.92 47.26
CA VAL A 201 8.43 -10.18 47.03
C VAL A 201 7.69 -11.32 47.71
N ASP A 202 7.16 -11.06 48.89
CA ASP A 202 6.40 -12.05 49.64
C ASP A 202 5.12 -12.41 48.89
N VAL A 203 4.50 -11.39 48.30
CA VAL A 203 3.28 -11.59 47.53
C VAL A 203 3.55 -12.45 46.31
N ILE A 204 4.58 -12.06 45.55
CA ILE A 204 4.98 -12.79 44.35
C ILE A 204 5.32 -14.25 44.68
N THR A 205 6.12 -14.44 45.73
CA THR A 205 6.51 -15.78 46.15
C THR A 205 5.28 -16.59 46.53
N ALA A 206 4.39 -15.97 47.29
CA ALA A 206 3.15 -16.63 47.71
C ALA A 206 2.32 -17.05 46.51
N ILE A 207 2.26 -16.23 45.48
CA ILE A 207 1.52 -16.57 44.28
C ILE A 207 2.17 -17.73 43.54
N LYS A 208 3.48 -17.60 43.27
CA LYS A 208 4.21 -18.60 42.52
C LYS A 208 4.28 -19.95 43.24
N ALA A 209 4.04 -19.94 44.54
CA ALA A 209 4.05 -21.18 45.31
C ALA A 209 2.64 -21.76 45.49
N GLN A 210 1.66 -20.89 45.68
CA GLN A 210 0.30 -21.32 45.97
C GLN A 210 -0.56 -21.44 44.72
N ASN A 211 -0.12 -20.81 43.64
CA ASN A 211 -0.83 -20.91 42.37
C ASN A 211 0.01 -21.57 41.29
N ALA A 212 -0.11 -22.88 41.17
CA ALA A 212 0.63 -23.64 40.18
C ALA A 212 0.06 -25.03 40.01
N GLN A 213 0.52 -25.74 38.99
CA GLN A 213 0.14 -27.12 38.77
C GLN A 213 1.35 -28.03 38.94
N VAL A 214 1.24 -28.97 39.86
CA VAL A 214 2.35 -29.88 40.17
C VAL A 214 2.18 -31.23 39.50
N ALA A 215 3.26 -31.73 38.92
CA ALA A 215 3.22 -33.02 38.23
C ALA A 215 3.46 -34.18 39.20
N ALA A 216 2.39 -34.90 39.50
CA ALA A 216 2.48 -36.10 40.33
C ALA A 216 2.23 -37.33 39.48
N GLY A 217 2.88 -38.43 39.83
CA GLY A 217 2.77 -39.66 39.05
C GLY A 217 1.42 -40.31 39.08
N GLN A 218 1.40 -41.63 38.93
CA GLN A 218 0.15 -42.37 38.90
C GLN A 218 0.19 -43.67 39.70
N LEU A 219 -0.92 -43.98 40.36
CA LEU A 219 -1.07 -45.25 41.04
C LEU A 219 -0.97 -46.36 40.02
N GLY A 220 -0.17 -47.37 40.32
CA GLY A 220 0.15 -48.38 39.33
C GLY A 220 1.09 -47.76 38.34
N GLY A 221 2.28 -47.41 38.81
CA GLY A 221 3.24 -46.66 38.03
C GLY A 221 3.72 -47.33 36.75
N THR A 222 4.64 -46.66 36.07
CA THR A 222 5.13 -47.11 34.78
C THR A 222 5.74 -48.52 34.84
N PRO A 223 6.69 -48.77 35.77
CA PRO A 223 6.97 -50.19 35.98
C PRO A 223 6.23 -50.68 37.23
N PRO A 224 5.31 -51.62 37.03
CA PRO A 224 4.44 -52.06 38.13
C PRO A 224 5.00 -53.27 38.86
N VAL A 225 4.46 -53.54 40.04
CA VAL A 225 4.63 -54.84 40.66
C VAL A 225 3.60 -55.74 39.99
N LYS A 226 3.95 -57.01 39.80
CA LYS A 226 3.09 -57.92 39.06
C LYS A 226 1.76 -58.12 39.78
N GLY A 227 0.72 -58.46 39.02
CA GLY A 227 -0.59 -58.70 39.62
C GLY A 227 -1.33 -57.44 39.99
N GLN A 228 -0.74 -56.29 39.70
CA GLN A 228 -1.39 -55.00 39.95
C GLN A 228 -2.63 -54.87 39.08
N GLN A 229 -3.75 -54.54 39.71
CA GLN A 229 -5.03 -54.48 39.00
C GLN A 229 -5.51 -53.06 38.74
N LEU A 230 -4.81 -52.08 39.29
CA LEU A 230 -5.25 -50.69 39.21
C LEU A 230 -4.21 -49.73 38.64
N ASN A 231 -4.64 -48.94 37.67
CA ASN A 231 -3.80 -47.88 37.12
C ASN A 231 -4.58 -46.58 36.96
N ALA A 232 -4.22 -45.59 37.77
CA ALA A 232 -4.93 -44.31 37.75
C ALA A 232 -3.98 -43.16 38.05
N SER A 233 -4.18 -42.05 37.37
CA SER A 233 -3.32 -40.88 37.53
C SER A 233 -3.66 -40.08 38.78
N ILE A 234 -2.65 -39.43 39.35
CA ILE A 234 -2.81 -38.62 40.54
C ILE A 234 -2.82 -37.15 40.17
N ILE A 235 -3.70 -36.38 40.81
CA ILE A 235 -3.74 -34.93 40.60
C ILE A 235 -3.35 -34.17 41.86
N ALA A 236 -2.29 -33.39 41.75
CA ALA A 236 -1.82 -32.56 42.86
C ALA A 236 -2.50 -31.20 42.84
N GLN A 237 -1.72 -30.15 43.07
CA GLN A 237 -2.24 -28.79 43.04
C GLN A 237 -2.66 -28.42 41.62
N THR A 238 -3.83 -27.81 41.50
CA THR A 238 -4.30 -27.32 40.20
C THR A 238 -4.32 -25.80 40.23
N ARG A 239 -4.09 -25.18 39.07
CA ARG A 239 -4.04 -23.73 38.97
C ARG A 239 -5.36 -23.09 39.40
N LEU A 240 -5.25 -22.01 40.17
CA LEU A 240 -6.43 -21.32 40.70
C LEU A 240 -7.33 -20.80 39.59
N THR A 241 -8.59 -20.58 39.91
CA THR A 241 -9.58 -20.23 38.90
C THR A 241 -10.24 -18.89 39.16
N SER A 242 -10.92 -18.77 40.29
CA SER A 242 -11.71 -17.58 40.58
C SER A 242 -10.88 -16.48 41.22
N THR A 243 -11.43 -15.27 41.26
CA THR A 243 -10.80 -14.14 41.92
C THR A 243 -10.77 -14.36 43.41
N GLU A 244 -11.86 -14.91 43.94
CA GLU A 244 -11.97 -15.23 45.35
C GLU A 244 -10.89 -16.21 45.77
N GLU A 245 -10.55 -17.13 44.87
CA GLU A 245 -9.52 -18.11 45.14
C GLU A 245 -8.15 -17.45 45.29
N PHE A 246 -7.94 -16.36 44.55
CA PHE A 246 -6.74 -15.57 44.68
C PHE A 246 -6.83 -14.66 45.89
N GLY A 247 -8.05 -14.49 46.39
CA GLY A 247 -8.27 -13.69 47.58
C GLY A 247 -7.78 -14.42 48.82
N LYS A 248 -7.90 -15.74 48.79
CA LYS A 248 -7.59 -16.57 49.95
C LYS A 248 -6.17 -17.08 49.95
N ILE A 249 -5.29 -16.40 49.23
CA ILE A 249 -3.87 -16.76 49.24
C ILE A 249 -3.27 -16.42 50.59
N LEU A 250 -2.59 -17.39 51.19
CA LEU A 250 -2.00 -17.21 52.51
C LEU A 250 -0.64 -16.54 52.42
N LEU A 251 -0.52 -15.35 53.03
CA LEU A 251 0.74 -14.63 53.03
C LEU A 251 1.52 -14.87 54.31
N LYS A 252 0.82 -14.86 55.43
CA LYS A 252 1.46 -15.04 56.74
C LYS A 252 0.44 -15.33 57.83
N VAL A 253 0.87 -16.07 58.85
CA VAL A 253 0.06 -16.28 60.04
C VAL A 253 0.73 -15.62 61.24
N ASN A 254 0.11 -14.56 61.74
CA ASN A 254 0.68 -13.79 62.85
C ASN A 254 0.80 -14.60 64.14
N GLN A 255 1.42 -13.99 65.15
CA GLN A 255 1.70 -14.66 66.42
C GLN A 255 0.46 -15.11 67.17
N ASP A 256 -0.65 -14.39 66.98
CA ASP A 256 -1.88 -14.70 67.69
C ASP A 256 -2.73 -15.71 66.93
N GLY A 257 -2.21 -16.20 65.81
CA GLY A 257 -2.91 -17.17 65.00
C GLY A 257 -3.81 -16.54 63.97
N SER A 258 -3.67 -15.22 63.80
CA SER A 258 -4.45 -14.50 62.80
C SER A 258 -3.79 -14.62 61.44
N ARG A 259 -4.59 -14.95 60.42
CA ARG A 259 -4.07 -15.17 59.08
C ARG A 259 -4.06 -13.89 58.25
N VAL A 260 -3.06 -13.76 57.39
CA VAL A 260 -2.95 -12.62 56.51
C VAL A 260 -3.23 -13.04 55.07
N LEU A 261 -4.48 -12.88 54.64
CA LEU A 261 -4.86 -13.23 53.28
C LEU A 261 -4.42 -12.14 52.31
N LEU A 262 -4.18 -12.53 51.07
CA LEU A 262 -3.79 -11.58 50.03
C LEU A 262 -4.87 -10.54 49.81
N ARG A 263 -6.12 -10.94 50.08
CA ARG A 263 -7.27 -10.06 50.02
C ARG A 263 -7.09 -8.84 50.93
N ASP A 264 -6.38 -9.04 52.04
CA ASP A 264 -6.22 -8.00 53.05
C ASP A 264 -5.17 -6.96 52.67
N VAL A 265 -4.22 -7.34 51.83
CA VAL A 265 -3.12 -6.46 51.49
C VAL A 265 -3.20 -5.92 50.07
N ALA A 266 -4.13 -6.46 49.29
CA ALA A 266 -4.22 -6.07 47.88
C ALA A 266 -5.61 -6.24 47.30
N LYS A 267 -6.04 -5.22 46.56
CA LYS A 267 -7.32 -5.28 45.86
C LYS A 267 -7.20 -6.18 44.65
N ILE A 268 -7.95 -7.28 44.67
CA ILE A 268 -7.82 -8.31 43.66
C ILE A 268 -9.01 -8.31 42.69
N GLU A 269 -8.75 -7.92 41.45
CA GLU A 269 -9.81 -7.87 40.46
C GLU A 269 -9.38 -8.50 39.13
N LEU A 270 -10.34 -9.08 38.43
CA LEU A 270 -10.08 -9.61 37.10
C LEU A 270 -10.00 -8.43 36.14
N GLY A 271 -8.79 -7.96 35.90
CA GLY A 271 -8.60 -6.72 35.16
C GLY A 271 -7.90 -6.90 33.83
N GLY A 272 -7.71 -5.79 33.13
CA GLY A 272 -7.04 -5.81 31.84
C GLY A 272 -5.57 -6.15 31.99
N GLU A 273 -5.02 -6.83 31.00
CA GLU A 273 -3.61 -7.18 30.99
C GLU A 273 -2.79 -5.92 30.71
N ASN A 274 -3.40 -4.99 29.98
CA ASN A 274 -2.77 -3.73 29.64
C ASN A 274 -3.77 -2.59 29.58
N TYR A 275 -3.54 -1.55 30.39
CA TYR A 275 -4.45 -0.41 30.46
C TYR A 275 -3.94 0.76 29.63
N ASP A 276 -3.07 0.50 28.67
CA ASP A 276 -2.45 1.57 27.88
C ASP A 276 -3.38 2.13 26.81
N ILE A 277 -4.08 1.25 26.10
CA ILE A 277 -4.93 1.69 25.00
C ILE A 277 -6.43 1.49 25.26
N ILE A 278 -7.23 2.44 24.78
CA ILE A 278 -8.68 2.36 24.91
C ILE A 278 -9.38 2.87 23.65
N ALA A 279 -10.29 2.07 23.12
CA ALA A 279 -10.94 2.36 21.85
C ALA A 279 -12.38 2.81 21.99
N GLU A 280 -12.70 3.91 21.34
CA GLU A 280 -14.06 4.45 21.34
C GLU A 280 -14.62 4.53 19.93
N PHE A 281 -15.69 3.79 19.69
CA PHE A 281 -16.40 3.81 18.42
C PHE A 281 -17.62 4.71 18.54
N ASN A 282 -17.60 5.83 17.82
CA ASN A 282 -18.65 6.84 17.88
C ASN A 282 -18.97 7.30 19.30
N GLY A 283 -17.93 7.44 20.11
CA GLY A 283 -18.08 7.90 21.49
C GLY A 283 -18.47 6.79 22.44
N GLN A 284 -18.87 5.65 21.88
CA GLN A 284 -19.26 4.50 22.68
C GLN A 284 -18.08 3.56 22.90
N PRO A 285 -17.84 3.17 24.15
CA PRO A 285 -16.75 2.26 24.51
C PRO A 285 -16.76 0.99 23.68
N ALA A 286 -15.63 0.63 23.09
CA ALA A 286 -15.56 -0.53 22.22
C ALA A 286 -14.16 -1.12 22.09
N SER A 287 -14.05 -2.15 21.26
CA SER A 287 -12.78 -2.80 20.97
C SER A 287 -12.94 -3.63 19.71
N GLY A 288 -11.89 -3.67 18.90
CA GLY A 288 -11.97 -4.38 17.63
C GLY A 288 -10.70 -5.06 17.20
N LEU A 289 -10.72 -5.60 15.99
CA LEU A 289 -9.57 -6.28 15.40
C LEU A 289 -8.99 -5.45 14.27
N GLY A 290 -7.74 -5.02 14.44
CA GLY A 290 -7.04 -4.27 13.41
C GLY A 290 -6.08 -5.16 12.64
N ILE A 291 -6.57 -5.76 11.56
CA ILE A 291 -5.81 -6.76 10.82
C ILE A 291 -4.74 -6.18 9.92
N LYS A 292 -3.49 -6.52 10.20
CA LYS A 292 -2.38 -6.14 9.35
C LYS A 292 -2.11 -7.20 8.30
N LEU A 293 -1.92 -6.78 7.06
CA LEU A 293 -1.72 -7.71 5.96
C LEU A 293 -0.36 -8.38 6.05
N ALA A 294 -0.21 -9.49 5.32
CA ALA A 294 1.07 -10.19 5.25
C ALA A 294 1.77 -9.88 3.94
N THR A 295 3.09 -9.92 3.96
CA THR A 295 3.87 -9.61 2.76
C THR A 295 3.69 -10.68 1.70
N GLY A 296 3.13 -10.29 0.55
CA GLY A 296 2.90 -11.22 -0.54
C GLY A 296 1.62 -12.00 -0.36
N ALA A 297 0.68 -11.43 0.40
CA ALA A 297 -0.60 -12.07 0.63
C ALA A 297 -1.58 -11.83 -0.52
N ASN A 298 -2.79 -12.36 -0.39
CA ASN A 298 -3.78 -12.32 -1.47
C ASN A 298 -4.85 -11.26 -1.26
N ALA A 299 -4.71 -10.47 -0.20
CA ALA A 299 -5.56 -9.31 0.06
C ALA A 299 -7.05 -9.66 0.22
N LEU A 300 -7.80 -9.53 -0.86
CA LEU A 300 -9.26 -9.71 -0.83
C LEU A 300 -9.64 -11.13 -0.43
N ASP A 301 -8.78 -12.09 -0.77
CA ASP A 301 -8.96 -13.46 -0.34
C ASP A 301 -8.83 -13.53 1.17
N THR A 302 -7.79 -12.88 1.68
CA THR A 302 -7.52 -12.83 3.11
C THR A 302 -8.67 -12.20 3.88
N ALA A 303 -9.20 -11.11 3.35
CA ALA A 303 -10.31 -10.40 3.99
C ALA A 303 -11.60 -11.23 3.96
N ALA A 304 -11.89 -11.82 2.81
CA ALA A 304 -13.06 -12.68 2.66
C ALA A 304 -13.00 -13.84 3.64
N ALA A 305 -11.80 -14.39 3.83
CA ALA A 305 -11.61 -15.49 4.77
C ALA A 305 -11.60 -15.01 6.22
N ILE A 306 -11.30 -13.73 6.43
CA ILE A 306 -11.45 -13.13 7.75
C ILE A 306 -12.93 -13.13 8.08
N ARG A 307 -13.74 -12.68 7.13
CA ARG A 307 -15.18 -12.73 7.28
C ARG A 307 -15.65 -14.16 7.47
N ALA A 308 -14.95 -15.11 6.85
CA ALA A 308 -15.27 -16.52 6.97
C ALA A 308 -15.09 -17.03 8.39
N GLU A 309 -13.88 -16.85 8.94
CA GLU A 309 -13.57 -17.33 10.28
C GLU A 309 -14.37 -16.59 11.34
N LEU A 310 -14.64 -15.32 11.07
CA LEU A 310 -15.40 -14.49 12.01
C LEU A 310 -16.90 -14.80 11.95
N ALA A 311 -17.32 -15.40 10.84
CA ALA A 311 -18.74 -15.72 10.65
C ALA A 311 -19.25 -16.74 11.66
N LYS A 312 -18.42 -17.72 11.99
CA LYS A 312 -18.82 -18.79 12.91
C LYS A 312 -18.57 -18.45 14.37
N MET A 313 -18.81 -17.20 14.73
CA MET A 313 -18.67 -16.76 16.13
C MET A 313 -19.91 -15.99 16.54
N GLU A 314 -20.54 -15.35 15.55
CA GLU A 314 -21.75 -14.56 15.77
C GLU A 314 -22.89 -15.27 16.52
N PRO A 315 -23.18 -16.55 16.21
CA PRO A 315 -24.29 -17.18 16.91
C PRO A 315 -24.04 -17.41 18.41
N PHE A 316 -22.78 -17.48 18.83
CA PHE A 316 -22.46 -17.81 20.22
C PHE A 316 -22.20 -16.58 21.09
N PHE A 317 -22.35 -15.39 20.51
CA PHE A 317 -22.13 -14.14 21.23
C PHE A 317 -23.14 -13.96 22.35
N PRO A 318 -22.73 -13.30 23.45
CA PRO A 318 -23.65 -12.97 24.54
C PRO A 318 -24.53 -11.79 24.18
N SER A 319 -25.47 -11.46 25.06
CA SER A 319 -26.42 -10.38 24.80
C SER A 319 -25.74 -9.02 24.64
N GLY A 320 -26.01 -8.36 23.53
CA GLY A 320 -25.50 -7.03 23.28
C GLY A 320 -24.30 -7.00 22.35
N LEU A 321 -23.52 -8.08 22.39
CA LEU A 321 -22.29 -8.19 21.62
C LEU A 321 -22.57 -8.11 20.12
N LYS A 322 -22.30 -6.95 19.52
CA LYS A 322 -22.62 -6.72 18.12
C LYS A 322 -21.41 -6.24 17.30
N ILE A 323 -21.40 -6.61 16.03
CA ILE A 323 -20.31 -6.31 15.11
C ILE A 323 -20.51 -4.99 14.39
N VAL A 324 -19.42 -4.31 14.06
CA VAL A 324 -19.45 -3.09 13.27
C VAL A 324 -18.18 -3.00 12.41
N TYR A 325 -18.30 -2.35 11.25
CA TYR A 325 -17.25 -2.36 10.25
C TYR A 325 -16.77 -0.98 9.83
N PRO A 326 -15.86 -0.38 10.62
CA PRO A 326 -15.18 0.85 10.21
C PRO A 326 -13.86 0.55 9.53
N TYR A 327 -13.45 1.41 8.61
CA TYR A 327 -12.20 1.23 7.86
C TYR A 327 -12.19 -0.11 7.13
N ASP A 328 -12.84 -0.16 5.97
CA ASP A 328 -12.85 -1.35 5.15
C ASP A 328 -12.32 -1.02 3.76
N THR A 329 -11.74 -2.02 3.10
CA THR A 329 -11.12 -1.83 1.80
C THR A 329 -11.95 -2.47 0.69
N THR A 330 -12.67 -3.53 1.05
CA THR A 330 -13.47 -4.31 0.09
C THR A 330 -14.36 -3.52 -0.89
N PRO A 331 -15.20 -2.59 -0.38
CA PRO A 331 -16.12 -1.91 -1.31
C PRO A 331 -15.40 -1.10 -2.39
N PHE A 332 -14.18 -0.65 -2.09
CA PHE A 332 -13.40 0.11 -3.07
C PHE A 332 -12.89 -0.80 -4.18
N VAL A 333 -12.50 -2.01 -3.82
CA VAL A 333 -12.05 -2.99 -4.79
C VAL A 333 -13.21 -3.41 -5.68
N LYS A 334 -14.31 -3.77 -5.03
CA LYS A 334 -15.52 -4.18 -5.73
C LYS A 334 -16.02 -3.09 -6.68
N ILE A 335 -16.05 -1.86 -6.19
CA ILE A 335 -16.53 -0.74 -7.00
C ILE A 335 -15.52 -0.37 -8.09
N SER A 336 -14.25 -0.74 -7.88
CA SER A 336 -13.24 -0.56 -8.90
C SER A 336 -13.53 -1.49 -10.06
N ILE A 337 -13.68 -2.78 -9.74
CA ILE A 337 -14.04 -3.78 -10.75
C ILE A 337 -15.30 -3.38 -11.48
N HIS A 338 -16.31 -2.98 -10.71
CA HIS A 338 -17.59 -2.57 -11.27
C HIS A 338 -17.45 -1.40 -12.24
N GLU A 339 -16.85 -0.32 -11.78
CA GLU A 339 -16.72 0.90 -12.60
C GLU A 339 -15.75 0.73 -13.77
N VAL A 340 -14.94 -0.32 -13.74
CA VAL A 340 -14.06 -0.60 -14.87
C VAL A 340 -14.76 -1.43 -15.94
N VAL A 341 -15.37 -2.54 -15.50
CA VAL A 341 -16.13 -3.40 -16.40
C VAL A 341 -17.25 -2.62 -17.08
N LYS A 342 -17.90 -1.74 -16.30
CA LYS A 342 -18.92 -0.86 -16.85
C LYS A 342 -18.37 -0.05 -18.01
N THR A 343 -17.18 0.51 -17.83
CA THR A 343 -16.51 1.27 -18.88
C THR A 343 -16.23 0.40 -20.09
N LEU A 344 -15.81 -0.84 -19.85
CA LEU A 344 -15.60 -1.81 -20.92
C LEU A 344 -16.86 -1.97 -21.77
N VAL A 345 -17.98 -2.24 -21.12
CA VAL A 345 -19.24 -2.43 -21.82
C VAL A 345 -19.66 -1.17 -22.59
N GLU A 346 -19.50 -0.01 -21.94
CA GLU A 346 -19.81 1.27 -22.57
C GLU A 346 -18.98 1.47 -23.84
N ALA A 347 -17.73 1.02 -23.80
CA ALA A 347 -16.85 1.09 -24.95
C ALA A 347 -17.32 0.14 -26.04
N ILE A 348 -17.82 -1.03 -25.64
CA ILE A 348 -18.34 -1.99 -26.60
C ILE A 348 -19.54 -1.41 -27.36
N ILE A 349 -20.50 -0.87 -26.63
CA ILE A 349 -21.67 -0.27 -27.26
C ILE A 349 -21.30 0.94 -28.12
N LEU A 350 -20.48 1.82 -27.55
CA LEU A 350 -20.07 3.03 -28.27
C LEU A 350 -19.21 2.73 -29.49
N VAL A 351 -18.58 1.57 -29.53
CA VAL A 351 -17.84 1.17 -30.73
C VAL A 351 -18.79 0.48 -31.71
N PHE A 352 -19.85 -0.11 -31.17
CA PHE A 352 -20.88 -0.72 -32.01
C PHE A 352 -21.61 0.36 -32.81
N LEU A 353 -21.88 1.49 -32.15
CA LEU A 353 -22.59 2.59 -32.78
C LEU A 353 -21.75 3.27 -33.87
N VAL A 354 -20.47 3.47 -33.60
CA VAL A 354 -19.56 4.03 -34.60
C VAL A 354 -19.41 3.04 -35.75
N MET A 355 -19.40 1.76 -35.41
CA MET A 355 -19.31 0.73 -36.44
C MET A 355 -20.58 0.69 -37.29
N TYR A 356 -21.68 1.17 -36.71
CA TYR A 356 -22.96 1.20 -37.42
C TYR A 356 -23.13 2.50 -38.20
N LEU A 357 -22.71 3.61 -37.60
CA LEU A 357 -22.81 4.91 -38.25
C LEU A 357 -21.64 5.16 -39.20
N PHE A 358 -21.15 4.09 -39.79
CA PHE A 358 -20.10 4.15 -40.80
C PHE A 358 -20.32 3.02 -41.79
N LEU A 359 -20.54 1.83 -41.26
CA LEU A 359 -20.97 0.69 -42.06
C LEU A 359 -22.47 0.54 -41.93
N GLN A 360 -23.19 0.88 -42.99
CA GLN A 360 -24.65 0.81 -43.01
C GLN A 360 -25.15 -0.57 -42.62
N ASN A 361 -24.48 -1.61 -43.12
CA ASN A 361 -24.87 -2.99 -42.87
C ASN A 361 -24.88 -3.35 -41.39
N PHE A 362 -25.97 -3.98 -40.96
CA PHE A 362 -26.12 -4.38 -39.57
C PHE A 362 -25.36 -5.68 -39.30
N ARG A 363 -25.11 -6.45 -40.35
CA ARG A 363 -24.42 -7.72 -40.22
C ARG A 363 -22.91 -7.54 -40.21
N ALA A 364 -22.45 -6.41 -40.72
CA ALA A 364 -21.02 -6.11 -40.80
C ALA A 364 -20.48 -5.54 -39.49
N THR A 365 -21.35 -4.87 -38.73
CA THR A 365 -20.94 -4.23 -37.49
C THR A 365 -20.91 -5.19 -36.31
N LEU A 366 -21.02 -6.48 -36.60
CA LEU A 366 -20.96 -7.49 -35.55
C LEU A 366 -19.54 -8.02 -35.37
N ILE A 367 -18.76 -8.01 -36.46
CA ILE A 367 -17.41 -8.56 -36.44
C ILE A 367 -16.47 -7.92 -35.40
N PRO A 368 -16.36 -6.57 -35.39
CA PRO A 368 -15.47 -6.01 -34.37
C PRO A 368 -16.07 -6.16 -32.98
N THR A 369 -17.41 -6.28 -32.92
CA THR A 369 -18.10 -6.45 -31.65
C THR A 369 -17.85 -7.84 -31.08
N ILE A 370 -17.54 -8.78 -31.98
CA ILE A 370 -17.25 -10.16 -31.57
C ILE A 370 -15.76 -10.35 -31.32
N ALA A 371 -14.94 -9.65 -32.08
CA ALA A 371 -13.49 -9.84 -32.04
C ALA A 371 -12.88 -9.53 -30.68
N VAL A 372 -13.05 -8.30 -30.20
CA VAL A 372 -12.37 -7.85 -28.99
C VAL A 372 -12.80 -8.46 -27.64
N PRO A 373 -14.04 -8.98 -27.51
CA PRO A 373 -14.26 -9.71 -26.26
C PRO A 373 -13.41 -10.96 -26.19
N VAL A 374 -13.19 -11.59 -27.34
CA VAL A 374 -12.31 -12.75 -27.42
C VAL A 374 -10.90 -12.35 -27.03
N VAL A 375 -10.44 -11.24 -27.59
CA VAL A 375 -9.09 -10.75 -27.32
C VAL A 375 -8.91 -10.40 -25.85
N LEU A 376 -9.97 -9.87 -25.24
CA LEU A 376 -9.95 -9.55 -23.81
C LEU A 376 -9.77 -10.79 -22.95
N LEU A 377 -10.57 -11.81 -23.23
CA LEU A 377 -10.54 -13.05 -22.47
C LEU A 377 -9.19 -13.74 -22.56
N GLY A 378 -8.60 -13.72 -23.75
CA GLY A 378 -7.29 -14.31 -23.96
C GLY A 378 -6.24 -13.67 -23.09
N THR A 379 -6.38 -12.38 -22.84
CA THR A 379 -5.45 -11.65 -22.00
C THR A 379 -5.55 -12.15 -20.56
N PHE A 380 -6.78 -12.40 -20.11
CA PHE A 380 -7.00 -12.97 -18.78
C PHE A 380 -6.31 -14.32 -18.64
N ALA A 381 -6.33 -15.09 -19.72
CA ALA A 381 -5.67 -16.39 -19.74
C ALA A 381 -4.16 -16.24 -19.68
N VAL A 382 -3.65 -15.24 -20.38
CA VAL A 382 -2.21 -15.00 -20.43
C VAL A 382 -1.67 -14.53 -19.08
N LEU A 383 -2.31 -13.51 -18.52
CA LEU A 383 -1.88 -12.95 -17.23
C LEU A 383 -1.91 -14.01 -16.13
N ALA A 384 -2.95 -14.84 -16.15
CA ALA A 384 -3.06 -15.93 -15.20
C ALA A 384 -1.94 -16.94 -15.39
N ALA A 385 -1.60 -17.22 -16.65
CA ALA A 385 -0.56 -18.17 -16.98
C ALA A 385 0.83 -17.58 -16.76
N PHE A 386 0.88 -16.28 -16.51
CA PHE A 386 2.15 -15.60 -16.28
C PHE A 386 2.32 -15.33 -14.79
N GLY A 387 1.27 -15.59 -14.02
CA GLY A 387 1.33 -15.42 -12.58
C GLY A 387 0.64 -14.15 -12.08
N PHE A 388 0.10 -13.37 -13.01
CA PHE A 388 -0.55 -12.12 -12.67
C PHE A 388 -1.96 -12.32 -12.13
N SER A 389 -2.64 -11.21 -11.86
CA SER A 389 -3.99 -11.24 -11.34
C SER A 389 -4.74 -10.00 -11.77
N ILE A 390 -6.05 -9.97 -11.51
CA ILE A 390 -6.86 -8.81 -11.81
C ILE A 390 -6.41 -7.66 -10.91
N ASN A 391 -5.66 -6.73 -11.49
CA ASN A 391 -5.15 -5.59 -10.74
C ASN A 391 -5.66 -4.27 -11.26
N THR A 392 -5.46 -3.21 -10.47
CA THR A 392 -5.88 -1.87 -10.86
C THR A 392 -5.15 -1.44 -12.12
N LEU A 393 -3.97 -2.02 -12.34
CA LEU A 393 -3.19 -1.73 -13.54
C LEU A 393 -3.54 -2.71 -14.65
N THR A 394 -3.88 -3.94 -14.27
CA THR A 394 -4.23 -4.96 -15.25
C THR A 394 -5.70 -4.93 -15.61
N MET A 395 -6.36 -3.83 -15.27
CA MET A 395 -7.72 -3.58 -15.72
C MET A 395 -7.76 -2.31 -16.54
N PHE A 396 -7.08 -1.28 -16.05
CA PHE A 396 -6.87 -0.07 -16.83
C PHE A 396 -6.09 -0.41 -18.09
N GLY A 397 -5.24 -1.44 -17.99
CA GLY A 397 -4.52 -1.93 -19.13
C GLY A 397 -5.47 -2.52 -20.16
N MET A 398 -6.45 -3.27 -19.70
CA MET A 398 -7.46 -3.85 -20.57
C MET A 398 -8.24 -2.75 -21.28
N VAL A 399 -8.80 -1.83 -20.48
CA VAL A 399 -9.61 -0.74 -21.00
C VAL A 399 -8.84 0.11 -22.00
N LEU A 400 -7.58 0.37 -21.69
CA LEU A 400 -6.71 1.17 -22.56
C LEU A 400 -6.38 0.42 -23.85
N ALA A 401 -6.23 -0.89 -23.74
CA ALA A 401 -5.87 -1.71 -24.89
C ALA A 401 -7.05 -1.94 -25.83
N ILE A 402 -8.26 -1.83 -25.30
CA ILE A 402 -9.50 -2.05 -26.06
C ILE A 402 -9.44 -1.48 -27.46
N GLY A 403 -9.32 -0.16 -27.56
CA GLY A 403 -9.29 0.52 -28.85
C GLY A 403 -8.11 0.09 -29.71
N LEU A 404 -7.02 -0.31 -29.07
CA LEU A 404 -5.85 -0.79 -29.80
C LEU A 404 -6.14 -2.15 -30.41
N LEU A 405 -7.16 -2.84 -29.91
CA LEU A 405 -7.61 -4.10 -30.49
C LEU A 405 -8.65 -3.84 -31.58
N VAL A 406 -9.65 -3.04 -31.24
CA VAL A 406 -10.73 -2.73 -32.16
C VAL A 406 -10.18 -2.03 -33.41
N ASP A 407 -9.04 -1.38 -33.26
CA ASP A 407 -8.36 -0.77 -34.39
C ASP A 407 -8.00 -1.85 -35.40
N ASP A 408 -7.28 -2.86 -34.91
CA ASP A 408 -6.81 -3.94 -35.78
C ASP A 408 -7.97 -4.74 -36.35
N ALA A 409 -9.08 -4.79 -35.62
CA ALA A 409 -10.29 -5.38 -36.18
C ALA A 409 -10.82 -4.53 -37.34
N ILE A 410 -10.94 -3.23 -37.08
CA ILE A 410 -11.48 -2.27 -38.03
C ILE A 410 -10.72 -2.26 -39.34
N VAL A 411 -9.39 -2.32 -39.27
CA VAL A 411 -8.57 -2.35 -40.48
C VAL A 411 -8.94 -3.55 -41.37
N VAL A 412 -8.86 -4.74 -40.79
CA VAL A 412 -9.14 -5.99 -41.49
C VAL A 412 -10.54 -6.01 -42.10
N VAL A 413 -11.51 -5.51 -41.36
CA VAL A 413 -12.88 -5.47 -41.87
C VAL A 413 -13.05 -4.45 -43.01
N GLU A 414 -12.65 -3.21 -42.71
CA GLU A 414 -12.86 -2.09 -43.63
C GLU A 414 -12.16 -2.28 -44.96
N ASN A 415 -10.91 -2.76 -44.93
CA ASN A 415 -10.18 -2.90 -46.18
C ASN A 415 -10.89 -3.84 -47.15
N VAL A 416 -11.49 -4.89 -46.61
CA VAL A 416 -12.31 -5.80 -47.39
C VAL A 416 -13.57 -5.08 -47.85
N GLU A 417 -14.14 -4.27 -46.96
CA GLU A 417 -15.30 -3.45 -47.31
C GLU A 417 -15.00 -2.49 -48.46
N ARG A 418 -13.71 -2.20 -48.65
CA ARG A 418 -13.26 -1.34 -49.74
C ARG A 418 -13.06 -2.15 -51.01
N VAL A 419 -12.34 -3.26 -50.89
CA VAL A 419 -12.08 -4.13 -52.03
C VAL A 419 -13.38 -4.61 -52.68
N MET A 420 -14.38 -4.88 -51.86
CA MET A 420 -15.68 -5.31 -52.37
C MET A 420 -16.38 -4.19 -53.13
N ALA A 421 -15.92 -2.96 -52.94
CA ALA A 421 -16.47 -1.82 -53.65
C ALA A 421 -15.41 -1.20 -54.57
N GLU A 422 -14.24 -1.82 -54.61
CA GLU A 422 -13.15 -1.34 -55.45
C GLU A 422 -12.93 -2.26 -56.63
N GLU A 423 -13.38 -3.50 -56.50
CA GLU A 423 -13.23 -4.49 -57.58
C GLU A 423 -14.59 -5.01 -58.03
N GLY A 424 -15.59 -4.91 -57.17
CA GLY A 424 -16.94 -5.29 -57.50
C GLY A 424 -17.25 -6.76 -57.23
N LEU A 425 -16.45 -7.39 -56.38
CA LEU A 425 -16.66 -8.80 -56.06
C LEU A 425 -16.61 -9.04 -54.55
N PRO A 426 -17.61 -9.75 -54.00
CA PRO A 426 -17.61 -10.06 -52.58
C PRO A 426 -17.48 -11.56 -52.23
N PRO A 427 -16.43 -12.25 -52.69
CA PRO A 427 -16.30 -13.64 -52.24
C PRO A 427 -15.22 -13.75 -51.16
N LYS A 428 -14.78 -14.97 -50.89
CA LYS A 428 -13.68 -15.18 -49.96
C LYS A 428 -12.35 -14.77 -50.61
N GLU A 429 -12.34 -14.73 -51.94
CA GLU A 429 -11.13 -14.37 -52.67
C GLU A 429 -10.78 -12.90 -52.47
N ALA A 430 -11.79 -12.03 -52.52
CA ALA A 430 -11.56 -10.60 -52.31
C ALA A 430 -11.11 -10.36 -50.89
N THR A 431 -11.77 -11.02 -49.94
CA THR A 431 -11.43 -10.92 -48.52
C THR A 431 -10.01 -11.41 -48.28
N ARG A 432 -9.59 -12.37 -49.09
CA ARG A 432 -8.27 -12.97 -48.97
C ARG A 432 -7.18 -12.05 -49.51
N LYS A 433 -7.30 -11.71 -50.78
CA LYS A 433 -6.30 -10.89 -51.47
C LYS A 433 -6.27 -9.46 -50.94
N SER A 434 -7.33 -9.07 -50.24
CA SER A 434 -7.33 -7.80 -49.54
C SER A 434 -6.26 -7.83 -48.48
N MET A 435 -6.16 -8.97 -47.79
CA MET A 435 -5.19 -9.15 -46.72
C MET A 435 -3.77 -9.36 -47.23
N GLY A 436 -3.57 -9.17 -48.52
CA GLY A 436 -2.24 -9.21 -49.10
C GLY A 436 -1.46 -7.98 -48.67
N GLN A 437 -2.12 -6.84 -48.71
CA GLN A 437 -1.51 -5.58 -48.26
C GLN A 437 -1.77 -5.36 -46.78
N ILE A 438 -2.55 -6.25 -46.18
CA ILE A 438 -2.88 -6.11 -44.76
C ILE A 438 -1.99 -6.95 -43.86
N GLN A 439 -1.77 -8.21 -44.23
CA GLN A 439 -1.03 -9.16 -43.41
C GLN A 439 0.32 -8.64 -42.91
N GLY A 440 1.16 -8.21 -43.86
CA GLY A 440 2.48 -7.68 -43.54
C GLY A 440 2.39 -6.49 -42.61
N ALA A 441 1.35 -5.68 -42.82
CA ALA A 441 1.11 -4.53 -41.97
C ALA A 441 0.77 -4.97 -40.55
N LEU A 442 -0.06 -6.00 -40.43
CA LEU A 442 -0.49 -6.51 -39.14
C LEU A 442 0.68 -7.06 -38.35
N VAL A 443 1.50 -7.87 -39.01
CA VAL A 443 2.67 -8.44 -38.35
C VAL A 443 3.68 -7.36 -37.98
N GLY A 444 3.90 -6.44 -38.90
CA GLY A 444 4.82 -5.33 -38.67
C GLY A 444 4.43 -4.48 -37.48
N ILE A 445 3.18 -4.01 -37.46
CA ILE A 445 2.68 -3.22 -36.33
C ILE A 445 2.63 -4.06 -35.07
N ALA A 446 2.49 -5.37 -35.22
CA ALA A 446 2.54 -6.28 -34.09
C ALA A 446 3.93 -6.23 -33.49
N MET A 447 4.93 -6.01 -34.35
CA MET A 447 6.30 -5.85 -33.87
C MET A 447 6.55 -4.45 -33.30
N VAL A 448 5.91 -3.44 -33.87
CA VAL A 448 6.14 -2.05 -33.45
C VAL A 448 5.48 -1.68 -32.12
N LEU A 449 4.23 -2.11 -31.93
CA LEU A 449 3.54 -1.90 -30.67
C LEU A 449 4.34 -2.54 -29.55
N SER A 450 4.83 -3.74 -29.81
CA SER A 450 5.69 -4.42 -28.85
C SER A 450 7.04 -3.72 -28.77
N ALA A 451 7.37 -2.96 -29.80
CA ALA A 451 8.63 -2.24 -29.82
C ALA A 451 8.57 -0.94 -29.00
N VAL A 452 7.36 -0.50 -28.67
CA VAL A 452 7.21 0.62 -27.75
C VAL A 452 6.78 0.15 -26.36
N PHE A 453 6.23 -1.05 -26.27
CA PHE A 453 5.74 -1.55 -24.99
C PHE A 453 6.72 -2.47 -24.27
N VAL A 454 7.18 -3.52 -24.96
CA VAL A 454 8.10 -4.49 -24.36
C VAL A 454 9.44 -3.90 -23.83
N PRO A 455 10.03 -2.92 -24.55
CA PRO A 455 11.25 -2.34 -23.97
C PRO A 455 11.02 -1.64 -22.64
N MET A 456 9.96 -0.84 -22.55
CA MET A 456 9.66 -0.14 -21.31
C MET A 456 9.09 -1.09 -20.27
N ALA A 457 8.74 -2.29 -20.71
CA ALA A 457 8.27 -3.34 -19.80
C ALA A 457 9.41 -3.75 -18.87
N PHE A 458 10.64 -3.56 -19.32
CA PHE A 458 11.81 -3.81 -18.48
C PHE A 458 11.77 -2.90 -17.27
N PHE A 459 11.06 -3.35 -16.26
CA PHE A 459 10.78 -2.55 -15.06
C PHE A 459 12.01 -2.33 -14.19
N GLY A 460 11.83 -1.60 -13.10
CA GLY A 460 12.92 -1.31 -12.19
C GLY A 460 12.47 -0.60 -10.93
N GLY A 461 13.19 -0.83 -9.83
CA GLY A 461 12.89 -0.20 -8.56
C GLY A 461 11.57 -0.67 -7.96
N SER A 462 10.82 0.26 -7.38
CA SER A 462 9.53 -0.07 -6.80
C SER A 462 8.42 0.14 -7.84
N THR A 463 8.82 0.61 -9.02
CA THR A 463 7.88 0.80 -10.11
C THR A 463 7.89 -0.43 -11.01
N GLY A 464 8.09 -1.59 -10.38
CA GLY A 464 8.23 -2.84 -11.09
C GLY A 464 6.96 -3.28 -11.82
N ALA A 465 6.12 -4.01 -11.10
CA ALA A 465 4.88 -4.55 -11.66
C ALA A 465 3.97 -3.47 -12.24
N ILE A 466 4.26 -2.22 -11.89
CA ILE A 466 3.55 -1.08 -12.42
C ILE A 466 3.68 -1.05 -13.94
N TYR A 467 4.79 -0.50 -14.42
CA TYR A 467 5.08 -0.46 -15.85
C TYR A 467 5.11 -1.86 -16.45
N ARG A 468 5.55 -2.83 -15.65
CA ARG A 468 5.57 -4.22 -16.11
C ARG A 468 4.21 -4.68 -16.59
N GLN A 469 3.28 -4.85 -15.65
CA GLN A 469 1.93 -5.30 -15.96
C GLN A 469 1.26 -4.38 -16.96
N PHE A 470 1.40 -3.08 -16.75
CA PHE A 470 0.78 -2.10 -17.64
C PHE A 470 1.31 -2.21 -19.06
N SER A 471 2.46 -2.86 -19.24
CA SER A 471 2.97 -3.12 -20.57
C SER A 471 2.54 -4.49 -21.08
N ILE A 472 2.98 -5.54 -20.39
CA ILE A 472 2.76 -6.92 -20.83
C ILE A 472 1.28 -7.27 -20.99
N THR A 473 0.41 -6.59 -20.26
CA THR A 473 -1.02 -6.81 -20.44
C THR A 473 -1.41 -6.40 -21.85
N ILE A 474 -0.93 -5.23 -22.27
CA ILE A 474 -1.26 -4.68 -23.57
C ILE A 474 -0.48 -5.39 -24.69
N VAL A 475 0.68 -5.94 -24.35
CA VAL A 475 1.47 -6.70 -25.32
C VAL A 475 0.78 -8.03 -25.61
N SER A 476 0.35 -8.70 -24.55
CA SER A 476 -0.42 -9.93 -24.68
C SER A 476 -1.68 -9.65 -25.48
N ALA A 477 -2.40 -8.61 -25.08
CA ALA A 477 -3.62 -8.19 -25.77
C ALA A 477 -3.33 -7.93 -27.24
N MET A 478 -2.12 -7.43 -27.52
CA MET A 478 -1.70 -7.12 -28.89
C MET A 478 -1.48 -8.38 -29.71
N ALA A 479 -0.70 -9.32 -29.18
CA ALA A 479 -0.41 -10.57 -29.88
C ALA A 479 -1.69 -11.35 -30.11
N LEU A 480 -2.58 -11.33 -29.12
CA LEU A 480 -3.86 -12.01 -29.22
C LEU A 480 -4.75 -11.35 -30.26
N SER A 481 -4.76 -10.02 -30.26
CA SER A 481 -5.56 -9.26 -31.22
C SER A 481 -5.05 -9.52 -32.63
N VAL A 482 -3.75 -9.75 -32.75
CA VAL A 482 -3.13 -10.00 -34.05
C VAL A 482 -3.47 -11.40 -34.55
N LEU A 483 -3.33 -12.39 -33.67
CA LEU A 483 -3.69 -13.76 -34.03
C LEU A 483 -5.16 -13.84 -34.41
N VAL A 484 -6.01 -13.18 -33.61
CA VAL A 484 -7.43 -13.09 -33.91
C VAL A 484 -7.64 -12.41 -35.26
N ALA A 485 -6.82 -11.40 -35.54
CA ALA A 485 -6.89 -10.68 -36.82
C ALA A 485 -6.17 -11.43 -37.94
N LEU A 486 -5.68 -12.62 -37.64
CA LEU A 486 -5.07 -13.47 -38.64
C LEU A 486 -5.77 -14.82 -38.69
N ILE A 487 -6.65 -15.06 -37.73
CA ILE A 487 -7.40 -16.31 -37.68
C ILE A 487 -8.90 -16.03 -37.62
N LEU A 488 -9.36 -15.51 -36.49
CA LEU A 488 -10.78 -15.26 -36.28
C LEU A 488 -11.32 -14.16 -37.16
N THR A 489 -10.76 -12.96 -37.01
CA THR A 489 -11.20 -11.79 -37.77
C THR A 489 -11.21 -11.99 -39.29
N PRO A 490 -10.18 -12.64 -39.86
CA PRO A 490 -10.28 -12.90 -41.30
C PRO A 490 -11.42 -13.85 -41.65
N ALA A 491 -11.57 -14.92 -40.88
CA ALA A 491 -12.59 -15.93 -41.15
C ALA A 491 -13.98 -15.35 -41.06
N LEU A 492 -14.19 -14.47 -40.09
CA LEU A 492 -15.47 -13.79 -39.92
C LEU A 492 -15.64 -12.71 -40.98
N CYS A 493 -14.52 -12.14 -41.42
CA CYS A 493 -14.55 -11.15 -42.49
C CYS A 493 -14.91 -11.88 -43.78
N ALA A 494 -14.54 -13.15 -43.83
CA ALA A 494 -15.05 -14.04 -44.87
C ALA A 494 -16.42 -14.52 -44.40
N THR A 495 -16.72 -15.79 -44.66
CA THR A 495 -17.95 -16.41 -44.18
C THR A 495 -19.17 -15.56 -44.51
N MET A 496 -19.50 -14.66 -43.59
CA MET A 496 -20.60 -13.73 -43.77
C MET A 496 -20.17 -12.31 -43.46
N LEU A 497 -20.19 -11.47 -44.48
CA LEU A 497 -19.83 -10.05 -44.31
C LEU A 497 -20.81 -9.15 -45.05
N LYS A 498 -20.96 -9.39 -46.35
CA LYS A 498 -21.90 -8.62 -47.15
C LYS A 498 -23.32 -9.15 -47.01
N PHE A 513 -27.53 7.17 -46.65
CA PHE A 513 -28.10 8.36 -46.03
C PHE A 513 -27.36 9.61 -46.50
N GLY A 514 -27.79 10.76 -45.98
CA GLY A 514 -27.17 12.03 -46.32
C GLY A 514 -25.75 12.13 -45.78
N TRP A 515 -25.43 11.26 -44.82
CA TRP A 515 -24.10 11.24 -44.21
C TRP A 515 -23.05 10.82 -45.22
N PHE A 516 -23.36 9.79 -45.99
CA PHE A 516 -22.43 9.21 -46.94
C PHE A 516 -21.96 10.20 -47.98
N ASN A 517 -22.89 10.99 -48.52
CA ASN A 517 -22.55 12.00 -49.52
C ASN A 517 -21.59 13.05 -48.98
N ARG A 518 -21.80 13.45 -47.73
CA ARG A 518 -20.96 14.44 -47.09
C ARG A 518 -19.57 13.88 -46.81
N MET A 519 -19.53 12.62 -46.35
CA MET A 519 -18.27 11.95 -46.10
C MET A 519 -17.46 11.83 -47.39
N PHE A 520 -18.11 11.37 -48.44
CA PHE A 520 -17.47 11.22 -49.75
C PHE A 520 -17.01 12.55 -50.32
N GLU A 521 -17.81 13.59 -50.12
CA GLU A 521 -17.46 14.92 -50.61
C GLU A 521 -16.23 15.46 -49.89
N LYS A 522 -16.28 15.45 -48.55
CA LYS A 522 -15.19 15.98 -47.76
C LYS A 522 -13.91 15.16 -47.93
N SER A 523 -14.07 13.88 -48.25
CA SER A 523 -12.92 13.01 -48.48
C SER A 523 -12.29 13.24 -49.85
N THR A 524 -13.06 12.95 -50.90
CA THR A 524 -12.57 13.03 -52.27
C THR A 524 -12.14 14.44 -52.65
N HIS A 525 -13.03 15.40 -52.47
CA HIS A 525 -12.74 16.78 -52.82
C HIS A 525 -11.79 17.44 -51.84
N HIS A 526 -12.37 18.10 -50.83
CA HIS A 526 -11.64 18.96 -49.91
C HIS A 526 -10.35 18.35 -49.37
N TYR A 527 -10.47 17.22 -48.66
CA TYR A 527 -9.33 16.58 -48.01
C TYR A 527 -8.22 16.24 -48.98
N THR A 528 -8.52 15.41 -49.98
CA THR A 528 -7.52 14.89 -50.89
C THR A 528 -6.85 16.01 -51.70
N ASP A 529 -7.65 16.96 -52.18
CA ASP A 529 -7.13 18.08 -52.94
C ASP A 529 -6.22 18.95 -52.07
N SER A 530 -6.63 19.17 -50.83
CA SER A 530 -5.79 19.91 -49.89
C SER A 530 -4.52 19.14 -49.56
N VAL A 531 -4.59 17.82 -49.64
CA VAL A 531 -3.42 16.97 -49.43
C VAL A 531 -2.45 17.18 -50.57
N GLY A 532 -2.97 17.25 -51.79
CA GLY A 532 -2.16 17.59 -52.94
C GLY A 532 -1.52 18.95 -52.74
N GLY A 533 -2.32 19.90 -52.27
CA GLY A 533 -1.87 21.25 -52.02
C GLY A 533 -0.70 21.32 -51.05
N ILE A 534 -0.82 20.62 -49.93
CA ILE A 534 0.24 20.61 -48.93
C ILE A 534 1.43 19.78 -49.38
N LEU A 535 1.18 18.87 -50.33
CA LEU A 535 2.26 18.08 -50.93
C LEU A 535 3.09 18.95 -51.85
N ARG A 536 2.44 19.94 -52.46
CA ARG A 536 3.15 20.90 -53.30
C ARG A 536 4.15 21.70 -52.46
N SER A 537 3.71 22.14 -51.30
CA SER A 537 4.59 22.81 -50.34
C SER A 537 5.35 21.76 -49.54
N THR A 538 6.27 22.20 -48.69
CA THR A 538 7.06 21.27 -47.89
C THR A 538 7.74 21.94 -46.70
N GLY A 539 8.66 22.86 -46.99
CA GLY A 539 9.48 23.49 -45.96
C GLY A 539 8.71 24.17 -44.86
N ARG A 540 7.66 24.88 -45.22
CA ARG A 540 6.81 25.57 -44.25
C ARG A 540 6.22 24.59 -43.24
N TYR A 541 5.81 23.43 -43.73
CA TYR A 541 5.21 22.41 -42.89
C TYR A 541 6.25 21.66 -42.06
N LEU A 542 7.49 21.63 -42.56
CA LEU A 542 8.58 21.03 -41.80
C LEU A 542 8.97 21.92 -40.63
N VAL A 543 9.06 23.22 -40.90
CA VAL A 543 9.34 24.19 -39.85
C VAL A 543 8.18 24.21 -38.86
N LEU A 544 6.96 24.06 -39.36
CA LEU A 544 5.78 23.94 -38.51
C LEU A 544 5.90 22.70 -37.61
N TYR A 545 6.40 21.61 -38.18
CA TYR A 545 6.65 20.39 -37.43
C TYR A 545 7.67 20.66 -36.32
N LEU A 546 8.69 21.46 -36.64
CA LEU A 546 9.66 21.86 -35.64
C LEU A 546 9.02 22.67 -34.52
N ILE A 547 8.07 23.53 -34.88
CA ILE A 547 7.33 24.31 -33.89
C ILE A 547 6.56 23.37 -32.97
N ILE A 548 5.94 22.35 -33.57
CA ILE A 548 5.24 21.33 -32.81
C ILE A 548 6.18 20.63 -31.85
N VAL A 549 7.38 20.30 -32.30
CA VAL A 549 8.37 19.62 -31.47
C VAL A 549 8.82 20.48 -30.28
N VAL A 550 9.16 21.73 -30.55
CA VAL A 550 9.60 22.65 -29.50
C VAL A 550 8.49 22.90 -28.47
N GLY A 551 7.29 23.18 -28.97
CA GLY A 551 6.13 23.37 -28.11
C GLY A 551 5.88 22.14 -27.26
N MET A 552 6.07 20.97 -27.87
CA MET A 552 5.95 19.70 -27.16
C MET A 552 6.96 19.64 -26.03
N ALA A 553 8.18 20.08 -26.32
CA ALA A 553 9.25 20.08 -25.33
C ALA A 553 8.91 20.96 -24.14
N TYR A 554 8.39 22.16 -24.42
CA TYR A 554 8.02 23.08 -23.36
C TYR A 554 6.86 22.54 -22.52
N LEU A 555 5.85 21.98 -23.18
CA LEU A 555 4.71 21.42 -22.47
C LEU A 555 5.07 20.14 -21.73
N PHE A 556 6.21 19.56 -22.08
CA PHE A 556 6.68 18.33 -21.46
C PHE A 556 7.52 18.63 -20.22
N VAL A 557 8.43 19.59 -20.35
CA VAL A 557 9.31 19.95 -19.25
C VAL A 557 8.55 20.58 -18.08
N ARG A 558 7.64 21.50 -18.39
CA ARG A 558 6.87 22.20 -17.37
C ARG A 558 5.69 21.38 -16.86
N LEU A 559 5.74 20.07 -17.11
CA LEU A 559 4.73 19.15 -16.60
C LEU A 559 5.23 18.52 -15.31
N PRO A 560 4.59 18.88 -14.18
CA PRO A 560 4.95 18.31 -12.87
C PRO A 560 4.81 16.79 -12.86
N SER A 561 5.72 16.12 -12.16
CA SER A 561 5.76 14.66 -12.15
C SER A 561 5.09 14.07 -10.92
N SER A 562 4.41 12.95 -11.12
CA SER A 562 3.76 12.24 -10.03
C SER A 562 3.94 10.74 -10.21
N PHE A 563 3.58 9.97 -9.19
CA PHE A 563 3.66 8.52 -9.26
C PHE A 563 2.29 7.95 -9.55
N LEU A 564 1.43 7.96 -8.55
CA LEU A 564 0.06 7.51 -8.71
C LEU A 564 -0.88 8.47 -7.99
N PRO A 565 -2.00 8.82 -8.64
CA PRO A 565 -2.93 9.80 -8.08
C PRO A 565 -3.59 9.34 -6.78
N ASP A 566 -3.53 10.20 -5.77
CA ASP A 566 -4.21 9.94 -4.49
C ASP A 566 -5.69 10.22 -4.68
N GLU A 567 -6.54 9.30 -4.23
CA GLU A 567 -7.97 9.43 -4.47
C GLU A 567 -8.84 9.04 -3.29
N ASP A 568 -10.10 9.46 -3.34
CA ASP A 568 -11.09 9.18 -2.30
C ASP A 568 -11.30 7.67 -2.19
N GLN A 569 -11.02 7.14 -1.00
CA GLN A 569 -11.23 5.71 -0.75
C GLN A 569 -12.42 5.51 0.18
N GLY A 570 -13.13 6.58 0.49
CA GLY A 570 -14.28 6.52 1.38
C GLY A 570 -13.88 6.27 2.82
N VAL A 571 -12.58 6.12 3.05
CA VAL A 571 -12.02 5.84 4.36
C VAL A 571 -10.72 6.58 4.53
N PHE A 572 -10.65 7.46 5.52
CA PHE A 572 -9.39 8.15 5.81
C PHE A 572 -9.13 8.12 7.31
N MET A 573 -8.09 8.81 7.76
CA MET A 573 -7.78 8.82 9.19
C MET A 573 -7.03 10.07 9.64
N THR A 574 -6.98 10.26 10.95
CA THR A 574 -6.33 11.44 11.52
C THR A 574 -5.61 11.13 12.82
N MET A 575 -4.39 11.67 12.95
CA MET A 575 -3.56 11.43 14.13
C MET A 575 -3.47 12.65 15.03
N VAL A 576 -3.19 12.38 16.31
CA VAL A 576 -3.13 13.40 17.34
C VAL A 576 -1.87 13.22 18.18
N GLN A 577 -1.09 14.28 18.33
CA GLN A 577 0.13 14.22 19.12
C GLN A 577 0.17 15.29 20.22
N LEU A 578 0.13 14.83 21.46
CA LEU A 578 0.18 15.71 22.62
C LEU A 578 1.64 16.02 22.96
N PRO A 579 1.89 17.09 23.73
CA PRO A 579 3.26 17.42 24.12
C PRO A 579 3.92 16.38 25.02
N ALA A 580 5.10 16.72 25.54
CA ALA A 580 5.91 15.82 26.33
C ALA A 580 5.27 15.45 27.66
N GLY A 581 5.19 14.15 27.94
CA GLY A 581 4.73 13.65 29.21
C GLY A 581 3.25 13.84 29.48
N ALA A 582 2.48 14.05 28.42
CA ALA A 582 1.04 14.25 28.57
C ALA A 582 0.37 12.97 29.05
N THR A 583 -0.84 13.11 29.58
CA THR A 583 -1.54 11.98 30.17
C THR A 583 -2.70 11.47 29.31
N GLN A 584 -3.15 10.27 29.62
CA GLN A 584 -4.24 9.62 28.90
C GLN A 584 -5.51 10.46 28.86
N GLU A 585 -5.76 11.16 29.96
CA GLU A 585 -6.96 11.96 30.10
C GLU A 585 -6.97 13.13 29.11
N ARG A 586 -5.84 13.82 29.01
CA ARG A 586 -5.71 14.99 28.13
C ARG A 586 -5.90 14.61 26.67
N THR A 587 -5.13 13.61 26.22
CA THR A 587 -5.24 13.13 24.85
C THR A 587 -6.64 12.56 24.59
N GLN A 588 -7.28 12.06 25.64
CA GLN A 588 -8.66 11.62 25.50
C GLN A 588 -9.57 12.81 25.25
N LYS A 589 -9.27 13.93 25.89
CA LYS A 589 -10.03 15.17 25.67
C LYS A 589 -9.89 15.62 24.22
N VAL A 590 -8.65 15.70 23.76
CA VAL A 590 -8.38 16.10 22.38
C VAL A 590 -9.10 15.18 21.39
N LEU A 591 -9.02 13.87 21.67
CA LEU A 591 -9.70 12.87 20.86
C LEU A 591 -11.20 13.09 20.84
N ASN A 592 -11.76 13.49 21.97
CA ASN A 592 -13.17 13.83 22.04
C ASN A 592 -13.49 14.97 21.09
N GLU A 593 -12.69 16.03 21.18
CA GLU A 593 -12.86 17.19 20.30
C GLU A 593 -12.84 16.80 18.83
N VAL A 594 -11.84 16.03 18.43
CA VAL A 594 -11.72 15.58 17.04
C VAL A 594 -12.92 14.72 16.61
N THR A 595 -13.15 13.65 17.36
CA THR A 595 -14.24 12.73 17.12
C THR A 595 -15.55 13.46 16.89
N HIS A 596 -15.84 14.41 17.76
CA HIS A 596 -17.13 15.08 17.67
C HIS A 596 -17.14 16.28 16.72
N TYR A 597 -15.96 16.69 16.28
CA TYR A 597 -15.91 17.55 15.10
C TYR A 597 -16.45 16.73 13.95
N TYR A 598 -15.94 15.51 13.82
CA TYR A 598 -16.41 14.61 12.76
C TYR A 598 -17.86 14.20 12.98
N LEU A 599 -18.35 14.32 14.21
CA LEU A 599 -19.71 13.89 14.54
C LEU A 599 -20.79 14.97 14.38
N THR A 600 -20.42 16.23 14.58
CA THR A 600 -21.43 17.29 14.50
C THR A 600 -21.33 18.21 13.28
N LYS A 601 -20.11 18.48 12.82
CA LYS A 601 -19.93 19.42 11.72
C LYS A 601 -19.81 18.74 10.36
N GLU A 602 -19.80 17.42 10.37
CA GLU A 602 -19.74 16.67 9.12
C GLU A 602 -20.59 15.41 9.21
N LYS A 603 -21.91 15.59 9.20
CA LYS A 603 -22.84 14.48 9.32
C LYS A 603 -23.23 13.92 7.96
N ASN A 604 -23.22 14.77 6.94
CA ASN A 604 -23.59 14.35 5.60
C ASN A 604 -22.54 13.46 4.95
N ASN A 605 -21.38 13.35 5.59
CA ASN A 605 -20.28 12.57 5.04
C ASN A 605 -19.87 11.41 5.95
N VAL A 606 -19.52 11.74 7.19
CA VAL A 606 -19.03 10.75 8.14
C VAL A 606 -20.11 9.75 8.53
N GLU A 607 -19.79 8.47 8.40
CA GLU A 607 -20.70 7.40 8.80
C GLU A 607 -20.36 6.90 10.19
N SER A 608 -19.05 6.78 10.47
CA SER A 608 -18.59 6.31 11.77
C SER A 608 -17.13 6.63 12.00
N VAL A 609 -16.78 6.90 13.25
CA VAL A 609 -15.40 7.12 13.64
C VAL A 609 -14.96 5.99 14.54
N PHE A 610 -13.65 5.82 14.70
CA PHE A 610 -13.12 4.80 15.59
C PHE A 610 -11.86 5.30 16.26
N ALA A 611 -12.03 6.19 17.23
CA ALA A 611 -10.89 6.79 17.91
C ALA A 611 -10.19 5.79 18.79
N VAL A 612 -8.86 5.87 18.84
CA VAL A 612 -8.08 4.98 19.70
C VAL A 612 -7.06 5.77 20.51
N ASN A 613 -7.21 5.73 21.83
CA ASN A 613 -6.30 6.42 22.72
C ASN A 613 -5.16 5.51 23.15
N GLY A 614 -3.94 6.01 23.02
CA GLY A 614 -2.77 5.28 23.48
C GLY A 614 -2.02 4.56 22.38
N PHE A 615 -2.52 4.68 21.15
CA PHE A 615 -1.89 4.01 20.02
C PHE A 615 -1.81 4.90 18.79
N GLY A 616 -0.59 5.29 18.43
CA GLY A 616 -0.35 6.03 17.21
C GLY A 616 0.46 5.19 16.25
N PHE A 617 0.69 5.73 15.04
CA PHE A 617 1.51 5.02 14.06
C PHE A 617 2.99 5.31 14.24
N ALA A 618 3.29 6.37 14.98
CA ALA A 618 4.68 6.66 15.32
C ALA A 618 5.14 5.64 16.35
N GLY A 619 4.29 5.40 17.35
CA GLY A 619 4.59 4.42 18.38
C GLY A 619 3.45 4.30 19.38
N ARG A 620 3.77 3.89 20.59
CA ARG A 620 2.77 3.77 21.64
C ARG A 620 2.99 4.84 22.70
N GLY A 621 2.15 4.84 23.72
CA GLY A 621 2.27 5.79 24.81
C GLY A 621 1.04 6.66 24.97
N GLN A 622 1.02 7.46 26.02
CA GLN A 622 -0.11 8.33 26.31
C GLN A 622 -0.06 9.61 25.47
N ASN A 623 1.05 9.81 24.76
CA ASN A 623 1.23 11.01 23.96
C ASN A 623 0.46 10.98 22.65
N THR A 624 0.26 9.78 22.10
CA THR A 624 -0.34 9.65 20.78
C THR A 624 -1.82 9.28 20.83
N GLY A 625 -2.50 9.53 19.72
CA GLY A 625 -3.88 9.14 19.56
C GLY A 625 -4.19 8.97 18.08
N ILE A 626 -5.05 8.01 17.76
CA ILE A 626 -5.42 7.79 16.37
C ILE A 626 -6.93 7.83 16.19
N ALA A 627 -7.37 8.14 14.98
CA ALA A 627 -8.79 8.20 14.69
C ALA A 627 -9.10 7.72 13.28
N PHE A 628 -9.65 6.52 13.19
CA PHE A 628 -10.07 5.95 11.91
C PHE A 628 -11.43 6.52 11.54
N VAL A 629 -11.52 7.10 10.35
CA VAL A 629 -12.77 7.71 9.91
C VAL A 629 -13.31 7.05 8.66
N SER A 630 -14.51 6.48 8.79
CA SER A 630 -15.21 5.88 7.67
C SER A 630 -16.35 6.78 7.21
N LEU A 631 -16.36 7.12 5.93
CA LEU A 631 -17.34 8.05 5.39
C LEU A 631 -18.50 7.32 4.73
N LYS A 632 -19.59 8.04 4.51
CA LYS A 632 -20.75 7.49 3.81
C LYS A 632 -20.35 7.15 2.39
N ASP A 633 -21.11 6.27 1.75
CA ASP A 633 -20.78 5.79 0.42
C ASP A 633 -20.72 6.93 -0.59
N TRP A 634 -20.05 6.67 -1.71
CA TRP A 634 -19.75 7.69 -2.71
C TRP A 634 -20.98 8.42 -3.23
N ALA A 635 -22.12 7.74 -3.20
CA ALA A 635 -23.37 8.32 -3.68
C ALA A 635 -23.84 9.48 -2.81
N ASP A 636 -23.83 9.27 -1.49
CA ASP A 636 -24.32 10.27 -0.56
C ASP A 636 -23.34 11.42 -0.35
N ARG A 637 -22.24 11.40 -1.08
CA ARG A 637 -21.27 12.48 -1.08
C ARG A 637 -21.09 13.02 -2.49
N PRO A 638 -22.04 13.86 -2.92
CA PRO A 638 -22.09 14.35 -4.31
C PRO A 638 -21.01 15.39 -4.64
N GLY A 639 -20.89 16.43 -3.83
CA GLY A 639 -20.00 17.54 -4.13
C GLY A 639 -18.52 17.17 -4.02
N GLU A 640 -17.67 18.04 -4.55
CA GLU A 640 -16.23 17.87 -4.44
C GLU A 640 -15.79 18.20 -3.02
N GLU A 641 -16.64 18.95 -2.32
CA GLU A 641 -16.38 19.33 -0.94
C GLU A 641 -16.58 18.13 -0.02
N ASN A 642 -17.29 17.12 -0.54
CA ASN A 642 -17.55 15.91 0.22
C ASN A 642 -16.55 14.81 -0.11
N LYS A 643 -15.65 15.11 -1.03
CA LYS A 643 -14.55 14.20 -1.33
C LYS A 643 -13.51 14.29 -0.22
N VAL A 644 -12.74 13.22 -0.04
CA VAL A 644 -11.77 13.12 1.05
C VAL A 644 -10.84 14.33 1.16
N GLU A 645 -10.39 14.85 0.02
CA GLU A 645 -9.44 15.95 0.00
C GLU A 645 -9.93 17.18 0.76
N ALA A 646 -11.10 17.68 0.38
CA ALA A 646 -11.66 18.89 0.99
C ALA A 646 -12.01 18.66 2.46
N ILE A 647 -12.56 17.50 2.76
CA ILE A 647 -12.92 17.15 4.14
C ILE A 647 -11.70 17.20 5.03
N THR A 648 -10.64 16.51 4.62
CA THR A 648 -9.38 16.52 5.34
C THR A 648 -8.81 17.93 5.44
N MET A 649 -9.01 18.72 4.37
CA MET A 649 -8.56 20.10 4.35
C MET A 649 -9.19 20.91 5.48
N ARG A 650 -10.51 21.02 5.47
CA ARG A 650 -11.20 21.83 6.47
C ARG A 650 -11.05 21.26 7.88
N ALA A 651 -10.95 19.93 7.97
CA ALA A 651 -10.72 19.27 9.25
C ALA A 651 -9.38 19.71 9.84
N THR A 652 -8.32 19.61 9.03
CA THR A 652 -6.99 20.02 9.47
C THR A 652 -6.96 21.50 9.79
N ARG A 653 -7.71 22.29 9.03
CA ARG A 653 -7.75 23.73 9.25
C ARG A 653 -8.41 24.07 10.59
N ALA A 654 -9.44 23.31 10.95
CA ALA A 654 -10.12 23.54 12.22
C ALA A 654 -9.27 23.06 13.40
N PHE A 655 -8.72 21.85 13.26
CA PHE A 655 -7.87 21.26 14.28
C PHE A 655 -6.65 22.13 14.57
N SER A 656 -6.11 22.73 13.52
CA SER A 656 -4.95 23.61 13.65
C SER A 656 -5.31 24.84 14.48
N GLN A 657 -6.59 25.19 14.48
CA GLN A 657 -7.05 26.34 15.23
C GLN A 657 -7.37 26.00 16.68
N ILE A 658 -8.38 25.16 16.89
CA ILE A 658 -8.94 24.98 18.24
C ILE A 658 -8.22 23.96 19.12
N LYS A 659 -6.97 23.62 18.77
CA LYS A 659 -6.22 22.65 19.57
C LYS A 659 -4.97 23.24 20.20
N ASP A 660 -4.58 22.71 21.35
CA ASP A 660 -3.35 23.12 22.01
C ASP A 660 -2.27 22.06 21.79
N ALA A 661 -2.55 21.14 20.88
CA ALA A 661 -1.60 20.09 20.53
C ALA A 661 -1.50 19.97 19.01
N MET A 662 -0.89 18.88 18.54
CA MET A 662 -0.73 18.67 17.11
C MET A 662 -1.66 17.60 16.59
N VAL A 663 -2.62 18.00 15.76
CA VAL A 663 -3.57 17.07 15.16
C VAL A 663 -3.60 17.26 13.65
N PHE A 664 -3.40 16.17 12.91
CA PHE A 664 -3.44 16.23 11.45
C PHE A 664 -4.40 15.18 10.91
N ALA A 665 -4.89 15.41 9.70
CA ALA A 665 -5.70 14.41 9.01
C ALA A 665 -5.05 14.12 7.67
N PHE A 666 -5.18 12.89 7.18
CA PHE A 666 -4.50 12.53 5.94
C PHE A 666 -5.24 11.51 5.10
N ASN A 667 -5.45 11.86 3.83
CA ASN A 667 -5.97 10.92 2.85
C ASN A 667 -5.00 9.76 2.70
N LEU A 668 -5.54 8.55 2.67
CA LEU A 668 -4.73 7.34 2.54
C LEU A 668 -3.92 7.37 1.25
N PRO A 669 -2.58 7.47 1.37
CA PRO A 669 -1.75 7.37 0.17
C PRO A 669 -1.92 5.96 -0.40
N ALA A 670 -2.80 5.81 -1.39
CA ALA A 670 -3.16 4.50 -1.95
C ALA A 670 -1.98 3.55 -2.07
N ILE A 671 -2.23 2.27 -1.81
CA ILE A 671 -1.21 1.25 -1.56
C ILE A 671 -0.45 1.54 -0.25
N VAL A 672 0.56 0.72 0.07
CA VAL A 672 1.39 0.96 1.24
C VAL A 672 2.08 2.32 1.11
N GLU A 673 2.42 2.93 2.25
CA GLU A 673 2.99 4.28 2.29
C GLU A 673 4.28 4.48 1.48
N LEU A 674 4.79 3.40 0.88
CA LEU A 674 6.04 3.46 0.14
C LEU A 674 5.96 4.37 -1.08
N GLY A 675 6.87 5.33 -1.16
CA GLY A 675 7.02 6.18 -2.33
C GLY A 675 6.08 7.37 -2.39
N THR A 676 6.65 8.56 -2.46
CA THR A 676 5.88 9.80 -2.61
C THR A 676 6.53 10.75 -3.60
N ALA A 677 7.86 10.79 -3.59
CA ALA A 677 8.66 11.71 -4.38
C ALA A 677 8.37 13.17 -3.99
N THR A 678 9.15 14.09 -4.56
CA THR A 678 9.09 15.51 -4.19
C THR A 678 9.24 15.70 -2.68
N GLY A 679 9.97 14.77 -2.06
CA GLY A 679 10.18 14.76 -0.62
C GLY A 679 11.16 13.64 -0.28
N PHE A 680 11.61 13.60 0.97
CA PHE A 680 12.64 12.63 1.33
C PHE A 680 12.52 12.05 2.75
N ASP A 681 13.44 11.16 3.07
CA ASP A 681 13.56 10.59 4.40
C ASP A 681 15.03 10.50 4.77
N PHE A 682 15.49 11.46 5.57
CA PHE A 682 16.89 11.58 5.94
C PHE A 682 17.17 10.87 7.25
N GLU A 683 18.38 10.33 7.39
CA GLU A 683 18.75 9.63 8.61
C GLU A 683 20.14 10.05 9.10
N LEU A 684 20.19 10.55 10.33
CA LEU A 684 21.43 11.05 10.91
C LEU A 684 22.05 10.00 11.83
N ILE A 685 23.18 9.44 11.41
CA ILE A 685 23.81 8.33 12.11
C ILE A 685 25.00 8.77 12.95
N ASP A 686 25.11 8.20 14.16
CA ASP A 686 26.25 8.45 15.03
C ASP A 686 27.34 7.41 14.78
N GLN A 687 28.29 7.75 13.92
CA GLN A 687 29.34 6.81 13.54
C GLN A 687 30.35 6.55 14.65
N ALA A 688 30.83 7.62 15.27
CA ALA A 688 31.81 7.50 16.35
C ALA A 688 31.14 7.09 17.66
N GLY A 689 31.82 7.37 18.78
CA GLY A 689 31.30 7.00 20.07
C GLY A 689 30.67 8.16 20.82
N LEU A 690 30.14 9.12 20.08
CA LEU A 690 29.49 10.28 20.69
C LEU A 690 28.23 9.85 21.42
N GLY A 691 27.87 10.59 22.46
CA GLY A 691 26.69 10.28 23.24
C GLY A 691 25.40 10.63 22.53
N HIS A 692 24.27 10.33 23.16
CA HIS A 692 22.96 10.63 22.62
C HIS A 692 22.75 12.14 22.53
N GLU A 693 23.29 12.86 23.51
CA GLU A 693 23.13 14.30 23.59
C GLU A 693 23.85 15.03 22.47
N LYS A 694 25.05 14.58 22.14
CA LYS A 694 25.83 15.16 21.06
C LYS A 694 25.11 14.94 19.73
N LEU A 695 24.50 13.77 19.58
CA LEU A 695 23.74 13.42 18.39
C LEU A 695 22.52 14.33 18.29
N THR A 696 21.88 14.57 19.42
CA THR A 696 20.73 15.45 19.48
C THR A 696 21.11 16.87 19.06
N GLN A 697 22.24 17.33 19.57
CA GLN A 697 22.75 18.66 19.23
C GLN A 697 23.05 18.77 17.74
N ALA A 698 23.67 17.72 17.19
CA ALA A 698 23.99 17.70 15.76
C ALA A 698 22.70 17.75 14.94
N ARG A 699 21.69 17.01 15.39
CA ARG A 699 20.39 17.00 14.74
C ARG A 699 19.78 18.40 14.76
N ASN A 700 19.89 19.07 15.90
CA ASN A 700 19.43 20.45 16.00
C ASN A 700 20.17 21.36 15.05
N GLN A 701 21.45 21.12 14.87
CA GLN A 701 22.27 21.92 13.98
C GLN A 701 21.87 21.73 12.52
N LEU A 702 21.57 20.49 12.15
CA LEU A 702 21.14 20.19 10.80
C LEU A 702 19.78 20.80 10.52
N LEU A 703 18.84 20.60 11.46
CA LEU A 703 17.49 21.13 11.34
C LEU A 703 17.47 22.65 11.40
N ALA A 704 18.53 23.24 11.94
CA ALA A 704 18.64 24.70 12.00
C ALA A 704 19.25 25.27 10.73
N GLU A 705 20.30 24.61 10.24
CA GLU A 705 20.98 25.05 9.02
C GLU A 705 20.11 24.86 7.78
N ALA A 706 19.28 23.82 7.81
CA ALA A 706 18.37 23.55 6.70
C ALA A 706 17.31 24.65 6.58
N ALA A 707 16.71 25.01 7.71
CA ALA A 707 15.68 26.04 7.74
C ALA A 707 16.30 27.43 7.78
N LYS A 708 17.63 27.49 7.86
CA LYS A 708 18.34 28.77 7.88
C LYS A 708 18.31 29.38 6.49
N HIS A 709 18.61 28.57 5.49
CA HIS A 709 18.51 29.02 4.10
C HIS A 709 17.65 28.06 3.26
N PRO A 710 16.33 28.09 3.47
CA PRO A 710 15.45 27.27 2.63
C PRO A 710 15.47 27.78 1.21
N MET A 712 13.09 26.68 -4.43
CA MET A 712 14.41 26.64 -3.83
C MET A 712 14.32 26.71 -2.32
N LEU A 713 13.45 25.89 -1.73
CA LEU A 713 13.28 25.84 -0.28
C LEU A 713 13.29 24.41 0.27
N THR A 714 12.71 24.25 1.45
CA THR A 714 12.56 22.95 2.10
C THR A 714 11.61 23.05 3.30
N SER A 715 11.26 21.90 3.86
CA SER A 715 10.43 21.84 5.07
C SER A 715 10.84 20.64 5.91
N VAL A 716 11.69 20.87 6.89
CA VAL A 716 12.32 19.78 7.64
C VAL A 716 11.91 19.71 9.11
N ARG A 717 11.76 18.49 9.61
CA ARG A 717 11.37 18.24 11.00
C ARG A 717 11.98 16.91 11.48
N PRO A 718 11.99 16.68 12.80
CA PRO A 718 12.42 15.38 13.30
C PRO A 718 11.33 14.33 13.16
N ASN A 719 11.53 13.16 13.78
CA ASN A 719 10.61 12.04 13.61
C ASN A 719 9.65 11.84 14.78
N GLY A 720 9.94 12.46 15.92
CA GLY A 720 9.07 12.36 17.07
C GLY A 720 9.79 12.19 18.39
N LEU A 721 11.11 12.31 18.34
CA LEU A 721 11.94 12.19 19.53
C LEU A 721 11.92 13.51 20.31
N GLU A 722 10.95 13.66 21.20
CA GLU A 722 10.78 14.92 21.91
C GLU A 722 11.75 15.09 23.09
N ASP A 723 12.18 13.97 23.65
CA ASP A 723 13.06 13.96 24.83
C ASP A 723 12.38 14.61 26.04
N THR A 724 11.81 13.78 26.91
CA THR A 724 11.04 14.25 28.06
C THR A 724 11.78 13.99 29.37
N PRO A 725 11.54 14.83 30.39
CA PRO A 725 12.17 14.65 31.69
C PRO A 725 11.83 13.32 32.35
N GLN A 726 12.81 12.74 33.04
CA GLN A 726 12.66 11.44 33.67
C GLN A 726 12.97 11.54 35.16
N PHE A 727 12.56 10.53 35.92
CA PHE A 727 12.76 10.54 37.37
C PHE A 727 13.84 9.54 37.78
N LYS A 728 15.04 10.05 38.00
CA LYS A 728 16.18 9.22 38.38
C LYS A 728 16.19 8.90 39.88
N ILE A 729 16.29 7.61 40.19
CA ILE A 729 16.39 7.16 41.58
C ILE A 729 17.76 6.53 41.84
N ASP A 730 18.48 7.08 42.81
CA ASP A 730 19.81 6.56 43.14
C ASP A 730 19.78 5.70 44.39
N ILE A 731 19.86 4.38 44.20
CA ILE A 731 19.90 3.44 45.31
C ILE A 731 21.33 3.29 45.83
N ASP A 732 21.59 3.84 47.00
CA ASP A 732 22.92 3.73 47.60
C ASP A 732 23.13 2.34 48.16
N GLN A 733 24.03 1.59 47.52
CA GLN A 733 24.31 0.21 47.90
C GLN A 733 24.85 0.12 49.32
N GLU A 734 25.63 1.12 49.71
CA GLU A 734 26.28 1.13 51.03
C GLU A 734 25.26 1.16 52.16
N LYS A 735 24.35 2.13 52.12
CA LYS A 735 23.30 2.24 53.12
C LYS A 735 22.46 0.97 53.18
N ALA A 736 22.20 0.40 52.01
CA ALA A 736 21.40 -0.82 51.91
C ALA A 736 22.09 -1.99 52.60
N GLN A 737 23.39 -2.12 52.38
CA GLN A 737 24.16 -3.19 53.00
C GLN A 737 24.30 -2.95 54.50
N ALA A 738 24.21 -1.69 54.90
CA ALA A 738 24.28 -1.33 56.31
C ALA A 738 23.00 -1.69 57.06
N LEU A 739 21.86 -1.27 56.51
CA LEU A 739 20.57 -1.46 57.18
C LEU A 739 20.09 -2.90 57.12
N GLY A 740 20.63 -3.68 56.18
CA GLY A 740 20.33 -5.08 56.09
C GLY A 740 19.28 -5.44 55.05
N VAL A 741 19.14 -4.60 54.03
CA VAL A 741 18.19 -4.86 52.95
C VAL A 741 18.91 -5.34 51.69
N SER A 742 18.40 -6.42 51.11
CA SER A 742 19.00 -6.98 49.91
C SER A 742 18.64 -6.14 48.69
N ILE A 743 19.63 -5.88 47.84
CA ILE A 743 19.46 -5.07 46.64
C ILE A 743 18.42 -5.68 45.72
N ASN A 744 18.42 -7.01 45.65
CA ASN A 744 17.42 -7.75 44.90
C ASN A 744 16.02 -7.35 45.35
N ASP A 745 15.73 -7.57 46.63
CA ASP A 745 14.44 -7.25 47.22
C ASP A 745 14.01 -5.81 46.94
N ILE A 746 14.92 -4.87 47.13
CA ILE A 746 14.66 -3.46 46.85
C ILE A 746 14.20 -3.28 45.41
N ASN A 747 15.02 -3.75 44.48
CA ASN A 747 14.73 -3.63 43.06
C ASN A 747 13.39 -4.24 42.66
N THR A 748 13.12 -5.48 43.07
CA THR A 748 11.89 -6.14 42.68
C THR A 748 10.67 -5.51 43.34
N THR A 749 10.83 -4.97 44.54
CA THR A 749 9.75 -4.24 45.17
C THR A 749 9.41 -3.01 44.34
N LEU A 750 10.44 -2.25 43.97
CA LEU A 750 10.25 -1.06 43.14
C LEU A 750 9.58 -1.39 41.81
N GLY A 751 10.16 -2.34 41.09
CA GLY A 751 9.68 -2.72 39.77
C GLY A 751 8.28 -3.30 39.77
N ALA A 752 8.00 -4.15 40.74
CA ALA A 752 6.67 -4.75 40.85
C ALA A 752 5.64 -3.71 41.25
N ALA A 753 6.04 -2.76 42.09
CA ALA A 753 5.11 -1.74 42.58
C ALA A 753 4.75 -0.73 41.50
N TRP A 754 5.75 -0.30 40.73
CA TRP A 754 5.56 0.83 39.83
C TRP A 754 5.39 0.45 38.36
N GLY A 755 5.92 -0.71 37.98
CA GLY A 755 5.82 -1.15 36.60
C GLY A 755 5.13 -2.50 36.46
N GLY A 756 4.78 -3.08 37.60
CA GLY A 756 4.14 -4.39 37.61
C GLY A 756 5.11 -5.49 37.21
N SER A 757 4.65 -6.73 37.26
CA SER A 757 5.50 -7.86 36.92
C SER A 757 4.68 -9.09 36.53
N TYR A 758 5.18 -9.82 35.56
CA TYR A 758 4.56 -11.06 35.10
C TYR A 758 4.92 -12.18 36.08
N VAL A 759 3.92 -12.64 36.82
CA VAL A 759 4.14 -13.60 37.89
C VAL A 759 3.94 -15.04 37.43
N ASN A 760 2.69 -15.40 37.19
CA ASN A 760 2.34 -16.76 36.82
C ASN A 760 1.16 -16.76 35.87
N ASP A 761 0.72 -17.93 35.47
CA ASP A 761 -0.46 -18.06 34.61
C ASP A 761 -1.60 -18.70 35.40
N PHE A 762 -2.83 -18.40 35.00
CA PHE A 762 -4.00 -18.97 35.65
C PHE A 762 -5.08 -19.26 34.62
N ILE A 763 -5.93 -20.24 34.92
CA ILE A 763 -7.00 -20.62 33.99
C ILE A 763 -8.28 -19.83 34.22
N ASP A 764 -8.78 -19.22 33.16
CA ASP A 764 -10.03 -18.46 33.22
C ASP A 764 -11.00 -18.96 32.15
N ARG A 765 -12.08 -19.59 32.60
CA ARG A 765 -13.11 -20.14 31.71
C ARG A 765 -12.52 -21.00 30.60
N GLY A 766 -11.48 -21.77 30.94
CA GLY A 766 -10.85 -22.64 29.97
C GLY A 766 -9.59 -22.06 29.38
N ARG A 767 -9.60 -20.75 29.14
CA ARG A 767 -8.45 -20.10 28.50
C ARG A 767 -7.43 -19.61 29.52
N VAL A 768 -6.17 -19.99 29.30
CA VAL A 768 -5.09 -19.57 30.17
C VAL A 768 -4.74 -18.10 29.95
N LYS A 769 -4.76 -17.34 31.03
CA LYS A 769 -4.43 -15.92 30.99
C LYS A 769 -3.36 -15.61 32.03
N LYS A 770 -2.90 -14.36 32.05
CA LYS A 770 -1.74 -13.99 32.85
C LYS A 770 -2.13 -13.49 34.24
N VAL A 771 -1.15 -13.47 35.14
CA VAL A 771 -1.34 -12.93 36.48
C VAL A 771 -0.35 -11.80 36.75
N TYR A 772 -0.87 -10.58 36.85
CA TYR A 772 -0.02 -9.41 37.06
C TYR A 772 -0.22 -8.79 38.43
N VAL A 773 0.90 -8.52 39.11
CA VAL A 773 0.86 -7.78 40.36
C VAL A 773 1.55 -6.42 40.19
N MET A 774 0.85 -5.36 40.57
CA MET A 774 1.41 -4.03 40.51
C MET A 774 1.15 -3.29 41.82
N SER A 775 0.18 -2.39 41.81
CA SER A 775 -0.20 -1.64 43.00
C SER A 775 -1.37 -0.75 42.66
N GLU A 776 -2.14 -0.37 43.67
CA GLU A 776 -3.23 0.58 43.46
C GLU A 776 -2.63 1.86 42.89
N ALA A 777 -3.36 2.48 41.97
CA ALA A 777 -2.86 3.67 41.28
C ALA A 777 -2.54 4.80 42.25
N LYS A 778 -3.40 4.98 43.25
CA LYS A 778 -3.27 6.09 44.20
C LYS A 778 -1.97 6.07 45.02
N TYR A 779 -1.23 4.98 44.92
CA TYR A 779 0.05 4.87 45.63
C TYR A 779 1.24 4.90 44.69
N ARG A 780 1.07 5.54 43.52
CA ARG A 780 2.16 5.59 42.55
C ARG A 780 1.96 6.66 41.47
N MET A 781 1.35 7.79 41.82
CA MET A 781 1.10 8.83 40.84
C MET A 781 2.10 9.98 40.96
N LEU A 782 2.65 10.16 42.16
CA LEU A 782 3.56 11.26 42.42
C LEU A 782 4.88 10.75 42.99
N PRO A 783 5.96 11.54 42.82
CA PRO A 783 7.27 11.13 43.34
C PRO A 783 7.26 10.88 44.86
N ASP A 784 6.50 11.69 45.59
CA ASP A 784 6.43 11.56 47.04
C ASP A 784 5.89 10.19 47.49
N ASP A 785 5.28 9.48 46.55
CA ASP A 785 4.74 8.16 46.83
C ASP A 785 5.83 7.11 46.97
N ILE A 786 7.07 7.48 46.65
CA ILE A 786 8.19 6.57 46.82
C ILE A 786 8.34 6.17 48.30
N GLY A 787 8.14 7.13 49.18
CA GLY A 787 8.29 6.91 50.60
C GLY A 787 7.27 5.96 51.20
N ASP A 788 6.12 5.82 50.54
CA ASP A 788 5.05 4.97 51.05
C ASP A 788 5.42 3.50 51.09
N TRP A 789 6.43 3.13 50.32
CA TRP A 789 6.85 1.74 50.20
C TRP A 789 7.99 1.40 51.15
N TYR A 790 7.80 0.32 51.91
CA TYR A 790 8.80 -0.13 52.88
C TYR A 790 9.35 -1.50 52.52
N VAL A 791 10.58 -1.76 52.95
CA VAL A 791 11.24 -3.02 52.63
C VAL A 791 11.73 -3.75 53.88
N ARG A 792 11.44 -5.05 53.95
CA ARG A 792 11.90 -5.90 55.04
C ARG A 792 13.41 -6.07 55.00
N ALA A 793 14.05 -5.87 56.15
CA ALA A 793 15.50 -6.01 56.25
C ALA A 793 15.86 -7.34 56.89
N ALA A 794 17.16 -7.59 57.05
CA ALA A 794 17.64 -8.84 57.60
C ALA A 794 17.22 -9.04 59.06
N ASP A 795 17.14 -7.94 59.80
CA ASP A 795 16.75 -7.98 61.21
C ASP A 795 15.24 -8.04 61.39
N GLY A 796 14.52 -8.23 60.28
CA GLY A 796 13.08 -8.39 60.33
C GLY A 796 12.32 -7.09 60.57
N GLN A 797 13.01 -5.97 60.38
CA GLN A 797 12.39 -4.66 60.57
C GLN A 797 12.19 -3.94 59.25
N MET A 798 11.04 -3.28 59.11
CA MET A 798 10.74 -2.53 57.89
C MET A 798 11.65 -1.31 57.73
N VAL A 799 11.89 -0.92 56.48
CA VAL A 799 12.79 0.19 56.19
C VAL A 799 12.14 1.17 55.22
N PRO A 800 12.13 2.46 55.56
CA PRO A 800 11.63 3.49 54.65
C PRO A 800 12.44 3.50 53.37
N PHE A 801 11.76 3.64 52.24
CA PHE A 801 12.46 3.63 50.95
C PHE A 801 13.40 4.81 50.86
N SER A 802 12.93 5.97 51.30
CA SER A 802 13.70 7.21 51.25
C SER A 802 14.99 7.17 52.06
N ALA A 803 15.13 6.14 52.91
CA ALA A 803 16.34 5.96 53.70
C ALA A 803 17.53 5.61 52.80
N PHE A 804 17.44 4.49 52.11
CA PHE A 804 18.51 4.06 51.21
C PHE A 804 18.41 4.75 49.84
N SER A 805 17.35 5.50 49.63
CA SER A 805 17.11 6.10 48.32
C SER A 805 17.73 7.47 48.12
N SER A 806 17.62 7.96 46.89
CA SER A 806 18.05 9.29 46.51
C SER A 806 17.44 9.58 45.14
N SER A 807 16.81 10.73 45.01
CA SER A 807 16.05 11.03 43.80
C SER A 807 16.39 12.38 43.19
N ARG A 808 16.28 12.48 41.87
CA ARG A 808 16.53 13.72 41.15
C ARG A 808 15.98 13.62 39.74
N TRP A 809 15.55 14.75 39.18
CA TRP A 809 14.99 14.78 37.84
C TRP A 809 16.05 14.93 36.76
N GLU A 810 16.00 14.04 35.77
CA GLU A 810 16.98 14.05 34.68
C GLU A 810 16.31 14.31 33.33
N TYR A 811 17.12 14.32 32.27
CA TYR A 811 16.63 14.53 30.93
C TYR A 811 17.04 13.39 30.01
N GLY A 812 16.04 12.75 29.39
CA GLY A 812 16.28 11.65 28.48
C GLY A 812 15.22 11.55 27.41
N SER A 813 15.44 10.67 26.43
CA SER A 813 14.50 10.51 25.32
C SER A 813 13.63 9.28 25.53
N PRO A 814 12.33 9.40 25.19
CA PRO A 814 11.36 8.31 25.33
C PRO A 814 11.36 7.39 24.13
N ARG A 815 12.13 7.75 23.10
CA ARG A 815 12.19 6.96 21.88
C ARG A 815 13.60 6.95 21.31
N LEU A 816 14.32 5.86 21.52
CA LEU A 816 15.69 5.74 21.02
C LEU A 816 15.75 5.03 19.68
N GLU A 817 16.08 5.80 18.64
CA GLU A 817 16.15 5.27 17.28
C GLU A 817 17.56 4.81 16.93
N ARG A 818 17.65 3.82 16.05
CA ARG A 818 18.93 3.30 15.59
C ARG A 818 18.85 2.91 14.12
N TYR A 819 19.85 3.29 13.34
CA TYR A 819 19.90 2.88 11.94
C TYR A 819 21.11 2.00 11.66
N ASN A 820 20.86 0.72 11.44
CA ASN A 820 21.90 -0.26 11.14
C ASN A 820 22.97 -0.40 12.23
N GLY A 821 22.54 -0.88 13.40
CA GLY A 821 23.46 -1.18 14.49
C GLY A 821 24.15 0.02 15.09
N LEU A 822 23.71 1.22 14.72
CA LEU A 822 24.30 2.45 15.22
C LEU A 822 23.21 3.41 15.67
N PRO A 823 23.46 4.16 16.75
CA PRO A 823 22.50 5.15 17.25
C PRO A 823 22.24 6.21 16.20
N SER A 824 20.97 6.47 15.92
CA SER A 824 20.61 7.40 14.86
C SER A 824 19.32 8.15 15.16
N MET A 825 19.13 9.27 14.47
CA MET A 825 17.93 10.08 14.62
C MET A 825 17.37 10.42 13.24
N GLU A 826 16.07 10.22 13.07
CA GLU A 826 15.44 10.37 11.75
C GLU A 826 14.91 11.78 11.49
N ILE A 827 15.28 12.34 10.35
CA ILE A 827 14.76 13.62 9.90
C ILE A 827 13.80 13.41 8.74
N LEU A 828 12.55 13.83 8.93
CA LEU A 828 11.57 13.82 7.85
C LEU A 828 11.41 15.22 7.27
N GLY A 829 11.66 15.35 5.97
CA GLY A 829 11.55 16.64 5.30
C GLY A 829 11.04 16.50 3.89
N GLN A 830 10.39 17.55 3.40
CA GLN A 830 9.88 17.57 2.04
C GLN A 830 10.70 18.50 1.17
N ALA A 831 10.80 18.18 -0.12
CA ALA A 831 11.61 18.94 -1.06
C ALA A 831 11.07 20.34 -1.28
N ALA A 832 11.79 21.12 -2.08
CA ALA A 832 11.40 22.49 -2.37
C ALA A 832 10.11 22.54 -3.17
N PRO A 833 9.32 23.61 -2.99
CA PRO A 833 8.15 23.83 -3.83
C PRO A 833 8.60 24.21 -5.24
N GLY A 834 9.84 24.65 -5.37
CA GLY A 834 10.41 25.00 -6.65
C GLY A 834 11.25 23.88 -7.22
N LYS A 835 12.22 23.42 -6.44
CA LYS A 835 13.11 22.35 -6.87
C LYS A 835 12.43 20.99 -6.80
N SER A 836 13.21 19.94 -7.00
CA SER A 836 12.69 18.59 -6.98
C SER A 836 13.29 17.78 -5.84
N THR A 837 13.19 16.45 -5.95
CA THR A 837 13.67 15.57 -4.90
C THR A 837 15.19 15.55 -4.80
N GLY A 838 15.83 15.11 -5.88
CA GLY A 838 17.28 14.98 -5.92
C GLY A 838 18.01 16.28 -5.64
N GLU A 839 17.43 17.39 -6.09
CA GLU A 839 18.00 18.70 -5.82
C GLU A 839 18.01 18.99 -4.32
N ALA A 840 16.89 18.70 -3.66
CA ALA A 840 16.77 18.91 -2.23
C ALA A 840 17.74 18.01 -1.46
N MET A 841 17.76 16.73 -1.83
CA MET A 841 18.65 15.75 -1.19
C MET A 841 20.11 16.17 -1.31
N GLU A 842 20.55 16.46 -2.53
CA GLU A 842 21.92 16.86 -2.77
C GLU A 842 22.25 18.17 -2.05
N LEU A 843 21.27 19.07 -2.00
CA LEU A 843 21.45 20.33 -1.28
C LEU A 843 21.09 20.19 0.19
N MET A 844 21.05 18.95 0.67
CA MET A 844 20.90 18.66 2.08
C MET A 844 22.11 17.89 2.59
N GLU A 845 22.74 17.13 1.70
CA GLU A 845 23.90 16.34 2.06
C GLU A 845 25.11 17.22 2.38
N GLN A 846 25.25 18.32 1.65
CA GLN A 846 26.32 19.26 1.92
C GLN A 846 26.05 20.05 3.20
N LEU A 847 24.79 20.06 3.63
CA LEU A 847 24.43 20.61 4.93
C LEU A 847 24.81 19.63 6.03
N ALA A 848 24.56 18.36 5.78
CA ALA A 848 24.88 17.31 6.74
C ALA A 848 26.39 17.12 6.86
N SER A 849 27.11 17.53 5.84
CA SER A 849 28.58 17.42 5.85
C SER A 849 29.22 18.63 6.52
N LYS A 850 28.42 19.38 7.27
CA LYS A 850 28.93 20.51 8.04
C LYS A 850 28.70 20.28 9.53
N LEU A 851 28.55 19.01 9.89
CA LEU A 851 28.30 18.62 11.28
C LEU A 851 29.60 18.11 11.91
N PRO A 852 29.69 18.13 13.25
CA PRO A 852 30.90 17.68 13.95
C PRO A 852 31.32 16.26 13.60
N THR A 853 32.59 15.94 13.86
CA THR A 853 33.15 14.64 13.54
C THR A 853 32.46 13.52 14.31
N GLY A 854 32.13 12.44 13.60
CA GLY A 854 31.47 11.30 14.22
C GLY A 854 30.03 11.18 13.79
N VAL A 855 29.54 12.22 13.11
CA VAL A 855 28.16 12.25 12.64
C VAL A 855 28.08 12.09 11.12
N GLY A 856 27.54 10.96 10.68
CA GLY A 856 27.36 10.69 9.27
C GLY A 856 25.88 10.65 8.91
N TYR A 857 25.58 10.25 7.68
CA TYR A 857 24.22 10.28 7.21
C TYR A 857 23.91 9.12 6.26
N ASP A 858 22.63 8.83 6.10
CA ASP A 858 22.17 7.82 5.15
C ASP A 858 20.70 8.03 4.84
N TRP A 859 20.27 7.48 3.72
CA TRP A 859 18.86 7.58 3.32
C TRP A 859 18.19 6.23 3.49
N THR A 860 16.91 6.24 3.86
CA THR A 860 16.15 5.01 4.03
C THR A 860 14.99 4.91 3.03
N GLY A 861 13.84 4.42 3.49
CA GLY A 861 12.67 4.15 2.67
C GLY A 861 12.45 4.94 1.40
N MET A 862 11.94 6.16 1.54
CA MET A 862 11.62 7.00 0.39
C MET A 862 12.81 7.22 -0.53
N SER A 863 13.84 7.87 -0.01
CA SER A 863 15.00 8.27 -0.79
C SER A 863 15.97 7.13 -1.07
N TYR A 864 15.43 5.98 -1.46
CA TYR A 864 16.24 4.82 -1.79
C TYR A 864 15.80 4.24 -3.13
N SER A 869 7.31 10.16 -13.46
CA SER A 869 8.48 9.75 -14.25
C SER A 869 9.25 8.63 -13.55
N GLY A 870 10.56 8.64 -13.70
CA GLY A 870 11.40 7.63 -13.09
C GLY A 870 12.81 7.63 -13.66
N ASN A 871 13.73 7.03 -12.93
CA ASN A 871 15.12 6.94 -13.36
C ASN A 871 15.31 6.01 -14.54
N GLN A 872 14.38 5.08 -14.71
CA GLN A 872 14.48 4.08 -15.77
C GLN A 872 14.00 4.61 -17.11
N ALA A 873 13.04 5.54 -17.07
CA ALA A 873 12.42 6.11 -18.27
C ALA A 873 13.38 6.52 -19.39
N PRO A 874 14.51 7.18 -19.05
CA PRO A 874 15.47 7.48 -20.14
C PRO A 874 15.95 6.22 -20.84
N SER A 875 16.46 5.26 -20.07
CA SER A 875 16.95 4.00 -20.64
C SER A 875 15.83 3.19 -21.28
N LEU A 876 14.65 3.19 -20.65
CA LEU A 876 13.52 2.42 -21.16
C LEU A 876 13.02 2.92 -22.50
N TYR A 877 12.93 4.24 -22.65
CA TYR A 877 12.57 4.84 -23.93
C TYR A 877 13.73 4.69 -24.92
N ALA A 878 14.94 4.64 -24.39
CA ALA A 878 16.13 4.45 -25.23
C ALA A 878 16.12 3.08 -25.89
N ILE A 879 15.66 2.08 -25.15
CA ILE A 879 15.48 0.75 -25.71
C ILE A 879 14.27 0.75 -26.63
N SER A 880 13.28 1.57 -26.29
CA SER A 880 12.12 1.77 -27.15
C SER A 880 12.48 2.59 -28.37
N LEU A 881 13.68 3.19 -28.35
CA LEU A 881 14.19 3.91 -29.51
C LEU A 881 14.95 2.97 -30.44
N ILE A 882 15.26 1.78 -29.94
CA ILE A 882 16.03 0.82 -30.72
C ILE A 882 15.15 -0.29 -31.29
N VAL A 883 14.31 -0.87 -30.43
CA VAL A 883 13.44 -1.95 -30.85
C VAL A 883 12.44 -1.47 -31.89
N VAL A 884 12.08 -0.19 -31.82
CA VAL A 884 11.16 0.40 -32.79
C VAL A 884 11.76 0.42 -34.20
N PHE A 885 12.96 0.98 -34.32
CA PHE A 885 13.64 1.06 -35.60
C PHE A 885 13.89 -0.33 -36.17
N LEU A 886 14.20 -1.27 -35.29
CA LEU A 886 14.52 -2.64 -35.70
C LEU A 886 13.27 -3.43 -36.08
N CYS A 887 12.13 -3.06 -35.51
CA CYS A 887 10.87 -3.69 -35.86
C CYS A 887 10.25 -3.03 -37.09
N LEU A 888 10.73 -1.84 -37.40
CA LEU A 888 10.30 -1.12 -38.60
C LEU A 888 11.11 -1.57 -39.80
N ALA A 889 11.81 -2.68 -39.65
CA ALA A 889 12.60 -3.25 -40.73
C ALA A 889 12.18 -4.68 -41.01
N ALA A 890 11.68 -5.36 -39.98
CA ALA A 890 11.33 -6.78 -40.07
C ALA A 890 10.26 -7.07 -41.12
N LEU A 891 9.43 -6.08 -41.41
CA LEU A 891 8.42 -6.21 -42.45
C LEU A 891 8.51 -5.05 -43.44
N TYR A 892 9.40 -4.11 -43.15
CA TYR A 892 9.53 -2.90 -43.97
C TYR A 892 10.99 -2.57 -44.26
N GLU A 893 11.49 -3.09 -45.37
CA GLU A 893 12.89 -2.94 -45.75
C GLU A 893 13.09 -1.74 -46.67
N SER A 894 13.78 -0.72 -46.19
CA SER A 894 13.97 0.49 -46.98
C SER A 894 15.07 1.43 -46.48
N TRP A 895 15.22 1.52 -45.16
CA TRP A 895 16.01 2.57 -44.53
C TRP A 895 15.45 3.94 -44.86
N SER A 896 14.13 3.98 -45.03
CA SER A 896 13.40 5.22 -45.27
C SER A 896 12.08 5.14 -44.52
N ILE A 897 11.44 3.98 -44.61
CA ILE A 897 10.27 3.68 -43.79
C ILE A 897 10.53 3.83 -42.28
N PRO A 898 11.66 3.30 -41.77
CA PRO A 898 11.89 3.51 -40.34
C PRO A 898 12.29 4.94 -39.98
N PHE A 899 12.12 5.87 -40.93
CA PHE A 899 12.34 7.28 -40.68
C PHE A 899 11.05 8.05 -40.97
N SER A 900 10.04 7.31 -41.41
CA SER A 900 8.75 7.90 -41.75
C SER A 900 7.85 8.04 -40.53
N VAL A 901 7.52 6.89 -39.94
CA VAL A 901 6.64 6.85 -38.78
C VAL A 901 7.31 7.48 -37.55
N MET A 902 8.64 7.50 -37.55
CA MET A 902 9.40 8.10 -36.46
C MET A 902 9.08 9.59 -36.25
N LEU A 903 8.50 10.23 -37.26
CA LEU A 903 8.09 11.62 -37.14
C LEU A 903 6.59 11.73 -36.89
N VAL A 904 6.00 10.66 -36.38
CA VAL A 904 4.59 10.66 -36.02
C VAL A 904 4.46 10.53 -34.51
N VAL A 905 5.56 10.13 -33.87
CA VAL A 905 5.63 10.12 -32.41
C VAL A 905 5.34 11.48 -31.77
N PRO A 906 5.96 12.57 -32.28
CA PRO A 906 5.66 13.84 -31.63
C PRO A 906 4.31 14.44 -32.04
N LEU A 907 3.54 13.69 -32.83
CA LEU A 907 2.27 14.20 -33.33
C LEU A 907 1.14 14.08 -32.32
N GLY A 908 1.05 12.93 -31.65
CA GLY A 908 0.03 12.72 -30.65
C GLY A 908 0.45 13.23 -29.29
N VAL A 909 1.73 13.08 -28.99
CA VAL A 909 2.29 13.46 -27.70
C VAL A 909 2.06 14.93 -27.35
N ILE A 910 2.16 15.80 -28.36
CA ILE A 910 1.90 17.23 -28.15
C ILE A 910 0.46 17.45 -27.68
N GLY A 911 -0.47 16.66 -28.22
CA GLY A 911 -1.86 16.75 -27.84
C GLY A 911 -2.13 16.17 -26.46
N ALA A 912 -1.43 15.08 -26.14
CA ALA A 912 -1.53 14.47 -24.82
C ALA A 912 -1.06 15.45 -23.75
N LEU A 913 0.11 16.03 -23.99
CA LEU A 913 0.68 17.04 -23.09
C LEU A 913 -0.21 18.27 -23.03
N LEU A 914 -0.84 18.59 -24.15
CA LEU A 914 -1.76 19.71 -24.21
C LEU A 914 -2.92 19.46 -23.27
N ALA A 915 -3.44 18.23 -23.30
CA ALA A 915 -4.56 17.84 -22.45
C ALA A 915 -4.18 17.86 -20.98
N ALA A 916 -3.04 17.25 -20.67
CA ALA A 916 -2.57 17.17 -19.28
C ALA A 916 -2.28 18.55 -18.70
N THR A 917 -1.77 19.45 -19.54
CA THR A 917 -1.44 20.79 -19.09
C THR A 917 -2.70 21.66 -19.05
N PHE A 918 -3.72 21.24 -19.80
CA PHE A 918 -4.97 21.96 -19.84
C PHE A 918 -5.76 21.77 -18.54
N ARG A 919 -6.11 20.52 -18.23
CA ARG A 919 -6.80 20.22 -16.97
C ARG A 919 -5.78 20.18 -15.84
N GLY A 920 -6.23 19.81 -14.65
CA GLY A 920 -5.37 19.77 -13.48
C GLY A 920 -4.53 18.51 -13.38
N LEU A 921 -4.34 17.83 -14.50
CA LEU A 921 -3.57 16.59 -14.52
C LEU A 921 -2.08 16.82 -14.35
N THR A 922 -1.33 15.73 -14.35
CA THR A 922 0.11 15.77 -14.18
C THR A 922 0.75 14.50 -14.72
N ASN A 923 2.07 14.53 -14.90
CA ASN A 923 2.78 13.37 -15.41
C ASN A 923 2.91 12.27 -14.37
N ASP A 924 2.25 11.16 -14.62
CA ASP A 924 2.32 10.01 -13.72
C ASP A 924 2.35 8.71 -14.51
N VAL A 925 2.18 7.60 -13.81
CA VAL A 925 2.19 6.27 -14.42
C VAL A 925 1.15 6.13 -15.51
N TYR A 926 -0.08 6.48 -15.17
CA TYR A 926 -1.20 6.36 -16.11
C TYR A 926 -0.95 7.20 -17.36
N PHE A 927 -0.38 8.39 -17.16
CA PHE A 927 -0.02 9.26 -18.28
C PHE A 927 1.18 8.70 -19.03
N GLN A 928 2.10 8.11 -18.29
CA GLN A 928 3.31 7.52 -18.88
C GLN A 928 2.95 6.37 -19.80
N VAL A 929 1.86 5.69 -19.50
CA VAL A 929 1.38 4.59 -20.33
C VAL A 929 0.49 5.13 -21.45
N GLY A 930 -0.28 6.17 -21.13
CA GLY A 930 -1.10 6.85 -22.12
C GLY A 930 -0.25 7.34 -23.28
N LEU A 931 0.97 7.77 -22.97
CA LEU A 931 1.93 8.18 -23.99
C LEU A 931 2.31 7.02 -24.89
N LEU A 932 2.55 5.85 -24.29
CA LEU A 932 2.91 4.65 -25.06
C LEU A 932 1.78 4.23 -25.97
N THR A 933 0.55 4.28 -25.48
CA THR A 933 -0.61 3.94 -26.28
C THR A 933 -0.76 4.95 -27.43
N THR A 934 -0.52 6.22 -27.11
CA THR A 934 -0.56 7.28 -28.11
C THR A 934 0.42 7.02 -29.24
N ILE A 935 1.66 6.72 -28.88
CA ILE A 935 2.71 6.41 -29.85
C ILE A 935 2.33 5.18 -30.67
N GLY A 936 1.79 4.18 -29.99
CA GLY A 936 1.39 2.94 -30.64
C GLY A 936 0.33 3.14 -31.69
N LEU A 937 -0.66 3.98 -31.40
CA LEU A 937 -1.73 4.25 -32.34
C LEU A 937 -1.28 5.18 -33.47
N SER A 938 -0.43 6.14 -33.13
CA SER A 938 0.15 7.02 -34.14
C SER A 938 0.92 6.18 -35.16
N ALA A 939 1.66 5.19 -34.65
CA ALA A 939 2.36 4.24 -35.50
C ALA A 939 1.36 3.39 -36.26
N LYS A 940 0.25 3.05 -35.61
CA LYS A 940 -0.78 2.23 -36.23
C LYS A 940 -1.36 2.91 -37.47
N ASN A 941 -1.48 4.23 -37.42
CA ASN A 941 -1.95 4.98 -38.58
C ASN A 941 -0.84 5.20 -39.61
N ALA A 942 0.32 5.63 -39.12
CA ALA A 942 1.46 5.92 -39.99
C ALA A 942 1.84 4.73 -40.86
N ILE A 943 1.92 3.54 -40.24
CA ILE A 943 2.28 2.34 -40.97
C ILE A 943 1.17 1.93 -41.95
N LEU A 944 -0.06 2.33 -41.64
CA LEU A 944 -1.15 2.16 -42.60
C LEU A 944 -0.95 3.08 -43.79
N ILE A 945 -0.30 4.22 -43.56
CA ILE A 945 0.00 5.15 -44.65
C ILE A 945 1.26 4.73 -45.41
N VAL A 946 2.07 3.88 -44.78
CA VAL A 946 3.32 3.44 -45.40
C VAL A 946 3.16 2.15 -46.21
N GLU A 947 2.66 1.11 -45.56
CA GLU A 947 2.51 -0.21 -46.17
C GLU A 947 1.67 -0.19 -47.43
N PHE A 948 0.51 0.47 -47.35
CA PHE A 948 -0.36 0.61 -48.50
C PHE A 948 0.35 1.29 -49.66
N ALA A 949 1.00 2.42 -49.37
CA ALA A 949 1.68 3.22 -50.38
C ALA A 949 2.82 2.46 -51.06
N LYS A 950 3.61 1.75 -50.26
CA LYS A 950 4.74 1.00 -50.81
C LYS A 950 4.28 -0.28 -51.51
N ASP A 951 3.08 -0.73 -51.17
CA ASP A 951 2.45 -1.81 -51.91
C ASP A 951 1.91 -1.25 -53.23
N LEU A 952 1.68 0.06 -53.25
CA LEU A 952 1.21 0.74 -54.45
C LEU A 952 2.37 1.36 -55.21
N MET A 953 3.55 1.37 -54.62
CA MET A 953 4.71 1.98 -55.26
C MET A 953 5.55 0.93 -55.98
N ASP A 954 5.27 -0.34 -55.70
CA ASP A 954 6.01 -1.44 -56.34
C ASP A 954 5.11 -2.28 -57.24
N LYS A 955 4.04 -2.81 -56.65
CA LYS A 955 3.11 -3.64 -57.40
C LYS A 955 2.30 -2.81 -58.41
N GLU A 956 2.22 -1.51 -58.15
CA GLU A 956 1.53 -0.59 -59.04
C GLU A 956 2.51 0.43 -59.60
N GLY A 957 1.98 1.55 -60.06
CA GLY A 957 2.79 2.61 -60.62
C GLY A 957 3.70 3.26 -59.58
N LYS A 958 4.69 4.00 -60.05
CA LYS A 958 5.64 4.65 -59.14
C LYS A 958 4.95 5.62 -58.20
N GLY A 959 4.47 6.74 -58.72
CA GLY A 959 3.76 7.72 -57.93
C GLY A 959 4.60 8.30 -56.81
N LEU A 960 5.48 9.23 -57.17
CA LEU A 960 6.33 9.88 -56.18
C LEU A 960 5.48 10.65 -55.18
N ILE A 961 4.71 11.60 -55.68
CA ILE A 961 3.78 12.36 -54.85
C ILE A 961 2.35 12.02 -55.23
N GLU A 962 2.19 10.96 -56.02
CA GLU A 962 0.90 10.62 -56.59
C GLU A 962 0.32 9.29 -56.09
N ALA A 963 1.21 8.40 -55.64
CA ALA A 963 0.75 7.12 -55.11
C ALA A 963 0.30 7.24 -53.67
N THR A 964 0.86 8.21 -52.95
CA THR A 964 0.51 8.44 -51.56
C THR A 964 -0.87 9.06 -51.45
N LEU A 965 -1.12 10.07 -52.28
CA LEU A 965 -2.42 10.72 -52.37
C LEU A 965 -3.47 9.69 -52.77
N ASP A 966 -3.12 8.84 -53.74
CA ASP A 966 -4.01 7.78 -54.19
C ASP A 966 -4.18 6.73 -53.11
N ALA A 967 -3.24 6.69 -52.16
CA ALA A 967 -3.30 5.75 -51.06
C ALA A 967 -4.27 6.21 -49.97
N VAL A 968 -4.18 7.48 -49.58
CA VAL A 968 -5.10 8.00 -48.58
C VAL A 968 -6.47 8.25 -49.21
N ARG A 969 -6.51 8.26 -50.54
CA ARG A 969 -7.78 8.33 -51.26
C ARG A 969 -8.59 7.09 -50.92
N MET A 970 -7.89 6.04 -50.50
CA MET A 970 -8.51 4.80 -50.04
C MET A 970 -7.97 4.39 -48.68
N ARG A 971 -8.01 5.30 -47.71
CA ARG A 971 -7.47 5.01 -46.38
C ARG A 971 -7.90 6.01 -45.31
N LEU A 972 -8.56 7.09 -45.71
CA LEU A 972 -9.04 8.09 -44.76
C LEU A 972 -10.11 7.49 -43.85
N ARG A 973 -10.98 6.69 -44.47
CA ARG A 973 -12.09 6.03 -43.80
C ARG A 973 -11.70 5.26 -42.54
N PRO A 974 -10.73 4.34 -42.62
CA PRO A 974 -10.37 3.62 -41.39
C PRO A 974 -9.73 4.52 -40.34
N ILE A 975 -8.87 5.43 -40.79
CA ILE A 975 -8.12 6.29 -39.88
C ILE A 975 -9.05 7.17 -39.05
N LEU A 976 -10.13 7.66 -39.67
CA LEU A 976 -11.10 8.44 -38.91
C LEU A 976 -12.08 7.55 -38.13
N MET A 977 -12.42 6.41 -38.72
CA MET A 977 -13.32 5.44 -38.11
C MET A 977 -12.80 5.04 -36.73
N THR A 978 -11.61 4.46 -36.74
CA THR A 978 -10.95 3.97 -35.53
C THR A 978 -10.78 5.08 -34.50
N SER A 979 -10.27 6.23 -34.92
CA SER A 979 -10.02 7.32 -34.00
C SER A 979 -11.30 7.80 -33.33
N LEU A 980 -12.36 7.93 -34.11
CA LEU A 980 -13.66 8.32 -33.57
C LEU A 980 -14.15 7.30 -32.56
N ALA A 981 -14.12 6.03 -32.95
CA ALA A 981 -14.57 4.95 -32.09
C ALA A 981 -13.75 4.85 -30.80
N PHE A 982 -12.50 5.29 -30.88
CA PHE A 982 -11.58 5.22 -29.75
C PHE A 982 -11.86 6.37 -28.79
N ILE A 983 -11.92 7.58 -29.32
CA ILE A 983 -12.21 8.76 -28.51
C ILE A 983 -13.56 8.62 -27.83
N LEU A 984 -14.51 8.00 -28.53
CA LEU A 984 -15.83 7.78 -27.95
C LEU A 984 -15.84 6.64 -26.95
N GLY A 985 -15.07 5.59 -27.24
CA GLY A 985 -15.01 4.43 -26.37
C GLY A 985 -14.35 4.75 -25.03
N VAL A 986 -13.26 5.49 -25.09
CA VAL A 986 -12.53 5.89 -23.90
C VAL A 986 -13.04 7.25 -23.42
N MET A 987 -14.36 7.35 -23.32
CA MET A 987 -15.00 8.57 -22.83
C MET A 987 -15.55 8.46 -21.40
N PRO A 988 -16.04 7.27 -21.01
CA PRO A 988 -16.39 7.12 -19.58
C PRO A 988 -15.20 7.41 -18.66
N LEU A 989 -13.99 7.17 -19.12
CA LEU A 989 -12.80 7.43 -18.33
C LEU A 989 -12.56 8.93 -18.16
N VAL A 990 -12.65 9.66 -19.25
CA VAL A 990 -12.37 11.10 -19.25
C VAL A 990 -13.33 11.84 -18.33
N ILE A 991 -14.62 11.76 -18.65
CA ILE A 991 -15.65 12.40 -17.83
C ILE A 991 -16.43 11.32 -17.09
N SER A 992 -17.76 11.38 -17.21
CA SER A 992 -18.65 10.40 -16.60
C SER A 992 -18.40 10.22 -15.10
N THR A 993 -17.65 9.18 -14.76
CA THR A 993 -17.33 8.88 -13.37
C THR A 993 -16.39 9.92 -12.80
N GLY A 994 -16.74 10.46 -11.64
CA GLY A 994 -15.91 11.45 -10.96
C GLY A 994 -15.80 11.15 -9.48
N ALA A 995 -16.28 9.98 -9.08
CA ALA A 995 -16.28 9.59 -7.67
C ALA A 995 -15.54 8.27 -7.45
N GLY A 996 -16.01 7.22 -8.11
CA GLY A 996 -15.45 5.89 -7.94
C GLY A 996 -13.98 5.80 -8.24
N SER A 997 -13.57 6.40 -9.35
CA SER A 997 -12.16 6.38 -9.74
C SER A 997 -11.74 7.71 -10.37
N GLY A 998 -10.76 8.36 -9.75
CA GLY A 998 -10.22 9.60 -10.27
C GLY A 998 -9.01 9.34 -11.15
N ALA A 999 -8.65 8.08 -11.29
CA ALA A 999 -7.52 7.67 -12.11
C ALA A 999 -7.98 7.41 -13.54
N GLN A 1000 -9.26 7.09 -13.69
CA GLN A 1000 -9.87 6.92 -15.00
C GLN A 1000 -9.70 8.19 -15.81
N ASN A 1001 -9.75 9.33 -15.13
CA ASN A 1001 -9.48 10.61 -15.75
C ASN A 1001 -8.01 10.70 -16.16
N ALA A 1002 -7.13 10.23 -15.28
CA ALA A 1002 -5.69 10.27 -15.51
C ALA A 1002 -5.28 9.48 -16.74
N VAL A 1003 -6.02 8.41 -17.03
CA VAL A 1003 -5.77 7.64 -18.24
C VAL A 1003 -6.48 8.27 -19.45
N GLY A 1004 -7.80 8.34 -19.34
CA GLY A 1004 -8.66 8.83 -20.42
C GLY A 1004 -8.28 10.17 -20.98
N THR A 1005 -8.15 11.17 -20.11
CA THR A 1005 -7.78 12.51 -20.55
C THR A 1005 -6.38 12.49 -21.15
N GLY A 1006 -5.52 11.64 -20.59
CA GLY A 1006 -4.16 11.51 -21.06
C GLY A 1006 -4.09 10.98 -22.48
N VAL A 1007 -5.03 10.13 -22.86
CA VAL A 1007 -5.02 9.54 -24.21
C VAL A 1007 -5.86 10.33 -25.22
N MET A 1008 -6.92 10.96 -24.74
CA MET A 1008 -7.87 11.65 -25.62
C MET A 1008 -7.25 12.75 -26.48
N GLY A 1009 -6.60 13.71 -25.84
CA GLY A 1009 -5.94 14.79 -26.56
C GLY A 1009 -4.88 14.24 -27.49
N GLY A 1010 -4.18 13.23 -27.00
CA GLY A 1010 -3.14 12.56 -27.76
C GLY A 1010 -3.69 11.71 -28.88
N MET A 1011 -5.01 11.62 -28.96
CA MET A 1011 -5.67 10.90 -30.04
C MET A 1011 -6.30 11.86 -31.04
N VAL A 1012 -6.83 12.97 -30.53
CA VAL A 1012 -7.34 14.03 -31.37
C VAL A 1012 -6.19 14.58 -32.19
N THR A 1013 -5.04 14.74 -31.55
CA THR A 1013 -3.86 15.25 -32.22
C THR A 1013 -3.07 14.13 -32.89
N ALA A 1014 -3.64 12.93 -32.89
CA ALA A 1014 -3.02 11.79 -33.56
C ALA A 1014 -3.69 11.54 -34.91
N THR A 1015 -4.68 12.37 -35.24
CA THR A 1015 -5.39 12.25 -36.50
C THR A 1015 -5.58 13.61 -37.17
N VAL A 1016 -6.27 14.52 -36.48
CA VAL A 1016 -6.52 15.87 -37.01
C VAL A 1016 -5.22 16.59 -37.33
N LEU A 1017 -4.11 16.09 -36.80
CA LEU A 1017 -2.80 16.61 -37.10
C LEU A 1017 -2.09 15.67 -38.08
N ALA A 1018 -2.28 14.37 -37.88
CA ALA A 1018 -1.54 13.35 -38.63
C ALA A 1018 -2.08 13.09 -40.04
N ILE A 1019 -3.28 12.52 -40.11
CA ILE A 1019 -3.86 12.08 -41.38
C ILE A 1019 -4.00 13.23 -42.38
N PHE A 1020 -4.15 14.44 -41.88
CA PHE A 1020 -4.38 15.60 -42.72
C PHE A 1020 -3.10 16.39 -42.96
N PHE A 1021 -2.64 17.10 -41.94
CA PHE A 1021 -1.54 18.04 -42.06
C PHE A 1021 -0.16 17.40 -41.89
N VAL A 1022 0.62 18.01 -41.00
CA VAL A 1022 1.91 17.47 -40.57
C VAL A 1022 2.46 16.38 -41.51
N PRO A 1023 3.50 15.58 -41.01
CA PRO A 1023 3.98 14.59 -41.98
C PRO A 1023 2.97 13.46 -42.24
N VAL A 1024 3.27 12.23 -41.82
CA VAL A 1024 2.41 11.09 -42.13
C VAL A 1024 2.10 11.12 -43.62
N PHE A 1025 3.00 11.75 -44.37
CA PHE A 1025 2.81 12.03 -45.79
C PHE A 1025 4.01 12.76 -46.35
N PHE A 1026 4.40 13.83 -45.66
CA PHE A 1026 5.61 14.56 -45.98
C PHE A 1026 6.80 13.65 -45.76
N VAL A 1027 6.68 12.77 -44.78
CA VAL A 1027 7.73 11.83 -44.42
C VAL A 1027 8.08 10.89 -45.58
N VAL A 1028 7.08 10.21 -46.12
CA VAL A 1028 7.29 9.30 -47.24
C VAL A 1028 8.05 10.01 -48.36
N VAL A 1029 7.61 11.22 -48.67
CA VAL A 1029 8.23 12.04 -49.71
C VAL A 1029 9.70 12.32 -49.41
N ARG A 1030 9.98 12.93 -48.26
CA ARG A 1030 11.32 13.40 -47.95
C ARG A 1030 12.21 12.34 -47.28
N ARG A 1031 11.78 11.08 -47.30
CA ARG A 1031 12.59 10.00 -46.76
C ARG A 1031 12.80 8.88 -47.79
N ARG A 1032 11.73 8.44 -48.43
CA ARG A 1032 11.84 7.40 -49.44
C ARG A 1032 12.63 7.89 -50.64
N PHE A 1033 12.36 9.13 -51.04
CA PHE A 1033 13.07 9.75 -52.15
C PHE A 1033 14.15 10.70 -51.64
N SER A 1034 13.83 11.98 -51.60
CA SER A 1034 14.75 13.01 -51.13
C SER A 1034 16.10 12.94 -51.83
N ARG A 1035 17.08 12.31 -51.17
CA ARG A 1035 18.40 12.12 -51.76
C ARG A 1035 18.62 10.67 -52.20
N LYS A 1036 18.03 9.73 -51.45
CA LYS A 1036 18.15 8.31 -51.76
C LYS A 1036 16.79 7.63 -51.65
C2 ZLD B . 5.51 -18.67 -14.56
C5 ZLD B . 6.76 -18.07 -14.55
C9 ZLD B . 4.28 -18.87 -9.81
C1 ZLD B . 4.93 -19.00 -15.79
C3 ZLD B . 5.59 -18.74 -16.98
N4 ZLD B . 4.83 -18.94 -13.35
C6 ZLD B . 5.15 -18.36 -12.07
C7 ZLD B . 3.69 -19.85 -13.14
C8 ZLD B . 3.91 -18.57 -11.26
O10 ZLD B . 3.21 -19.63 -11.82
N11 ZLD B . 3.18 -18.52 -8.96
C12 ZLD B . 3.42 -18.09 -7.61
C13 ZLD B . 2.24 -17.71 -6.70
O14 ZLD B . 4.56 -18.02 -7.18
O15 ZLD B . 3.24 -20.64 -13.93
C16 ZLD B . 7.43 -17.79 -15.75
C17 ZLD B . 6.84 -18.13 -16.97
F18 ZLD B . 8.64 -17.20 -15.70
N19 ZLD B . 7.49 -17.86 -18.23
C20 ZLD B . 7.86 -16.50 -18.57
C21 ZLD B . 8.73 -16.50 -19.80
O22 ZLD B . 9.33 -17.76 -19.99
C23 ZLD B . 8.48 -18.85 -20.20
C24 ZLD B . 7.24 -18.75 -19.33
#